data_5V4D
#
_entry.id   5V4D
#
_cell.length_a   67.927
_cell.length_b   80.919
_cell.length_c   141.929
_cell.angle_alpha   90.00
_cell.angle_beta   90.00
_cell.angle_gamma   90.00
#
_symmetry.space_group_name_H-M   'P 21 21 21'
#
loop_
_entity.id
_entity.type
_entity.pdbx_description
1 polymer 'Putative translational inhibitor protein'
2 non-polymer 'ACETIC ACID'
3 non-polymer 'CALCIUM ION'
4 non-polymer GLYCEROL
5 water water
#
_entity_poly.entity_id   1
_entity_poly.type   'polypeptide(L)'
_entity_poly.pdbx_seq_one_letter_code
;SNAKSVIETKNAPSAIGPYSQAICFNGILYASGQIPINPDTGDLVENDIEKQTRQVLKNIDAVLLQAGTTKDKIVKTTIF
ITNINNSSQVNDIYADYFKGTIFPARSTVEVSALPKGALVEIEVIAGV
;
_entity_poly.pdbx_strand_id   A,B,C,D,E,F
#
loop_
_chem_comp.id
_chem_comp.type
_chem_comp.name
_chem_comp.formula
ACY non-polymer 'ACETIC ACID' 'C2 H4 O2'
CA non-polymer 'CALCIUM ION' 'Ca 2'
GOL non-polymer GLYCEROL 'C3 H8 O3'
#
# COMPACT_ATOMS: atom_id res chain seq x y z
N ASN A 2 7.34 -15.68 -37.38
CA ASN A 2 7.58 -14.62 -36.40
C ASN A 2 6.33 -13.92 -35.87
N ALA A 3 5.19 -14.11 -36.54
CA ALA A 3 3.93 -13.49 -36.11
C ALA A 3 3.55 -14.02 -34.72
N LYS A 4 2.70 -13.25 -34.02
CA LYS A 4 2.50 -13.49 -32.60
C LYS A 4 1.97 -14.91 -32.35
N SER A 5 2.64 -15.64 -31.45
CA SER A 5 2.22 -17.00 -31.15
C SER A 5 2.20 -17.25 -29.65
N VAL A 6 1.33 -18.16 -29.24
CA VAL A 6 1.07 -18.40 -27.83
C VAL A 6 1.93 -19.55 -27.34
N ILE A 7 2.32 -19.49 -26.05
CA ILE A 7 2.97 -20.60 -25.35
C ILE A 7 2.01 -21.09 -24.28
N GLU A 8 1.73 -22.40 -24.30
CA GLU A 8 0.81 -23.02 -23.34
C GLU A 8 1.44 -24.34 -22.91
N THR A 9 1.63 -24.52 -21.61
CA THR A 9 2.13 -25.78 -21.06
C THR A 9 1.48 -26.08 -19.72
N LYS A 10 1.04 -27.35 -19.52
CA LYS A 10 0.55 -27.75 -18.22
C LYS A 10 1.63 -27.81 -17.16
N ASN A 11 2.92 -27.71 -17.53
CA ASN A 11 3.98 -27.68 -16.53
C ASN A 11 4.24 -26.32 -15.92
N ALA A 12 3.54 -25.27 -16.34
CA ALA A 12 3.50 -24.01 -15.62
C ALA A 12 2.08 -23.75 -15.19
N PRO A 13 1.87 -22.87 -14.21
CA PRO A 13 0.51 -22.62 -13.69
C PRO A 13 -0.44 -22.22 -14.80
N SER A 14 -1.66 -22.75 -14.74
CA SER A 14 -2.70 -22.26 -15.64
C SER A 14 -2.96 -20.78 -15.38
N ALA A 15 -3.22 -20.03 -16.44
CA ALA A 15 -3.50 -18.61 -16.27
C ALA A 15 -4.73 -18.39 -15.38
N ILE A 16 -4.55 -17.60 -14.31
CA ILE A 16 -5.59 -17.24 -13.34
C ILE A 16 -6.21 -15.89 -13.69
N GLY A 17 -6.20 -15.52 -14.98
CA GLY A 17 -6.72 -14.26 -15.48
C GLY A 17 -6.56 -14.27 -16.99
N PRO A 18 -7.09 -13.16 -17.74
CA PRO A 18 -7.08 -13.13 -19.23
C PRO A 18 -5.70 -12.80 -19.79
N TYR A 19 -4.82 -13.80 -19.76
CA TYR A 19 -3.46 -13.62 -20.21
C TYR A 19 -2.94 -14.97 -20.71
N SER A 20 -1.86 -14.91 -21.48
CA SER A 20 -1.16 -16.11 -21.90
C SER A 20 0.09 -16.31 -21.06
N GLN A 21 0.49 -17.57 -20.84
CA GLN A 21 1.75 -17.82 -20.12
C GLN A 21 2.92 -17.09 -20.78
N ALA A 22 2.98 -17.12 -22.10
CA ALA A 22 3.99 -16.32 -22.80
C ALA A 22 3.52 -16.12 -24.23
N ILE A 23 4.09 -15.10 -24.87
CA ILE A 23 3.84 -14.78 -26.27
C ILE A 23 5.19 -14.69 -26.96
N CYS A 24 5.32 -15.32 -28.13
CA CYS A 24 6.52 -15.15 -28.94
C CYS A 24 6.20 -14.22 -30.10
N PHE A 25 7.11 -13.29 -30.37
CA PHE A 25 6.86 -12.33 -31.44
C PHE A 25 8.19 -11.76 -31.90
N ASN A 26 8.45 -11.83 -33.22
CA ASN A 26 9.69 -11.30 -33.81
C ASN A 26 10.93 -11.75 -33.06
N GLY A 27 10.97 -13.02 -32.70
CA GLY A 27 12.18 -13.55 -32.11
C GLY A 27 12.34 -13.33 -30.62
N ILE A 28 11.38 -12.71 -29.96
CA ILE A 28 11.41 -12.48 -28.52
C ILE A 28 10.27 -13.24 -27.85
N LEU A 29 10.59 -13.95 -26.76
N LEU A 29 10.59 -13.96 -26.76
CA LEU A 29 9.59 -14.58 -25.89
CA LEU A 29 9.61 -14.55 -25.89
C LEU A 29 9.27 -13.62 -24.73
C LEU A 29 9.29 -13.56 -24.77
N TYR A 30 8.03 -13.19 -24.65
CA TYR A 30 7.58 -12.32 -23.56
C TYR A 30 6.83 -13.21 -22.58
N ALA A 31 7.42 -13.48 -21.41
CA ALA A 31 6.76 -14.34 -20.42
C ALA A 31 5.92 -13.49 -19.48
N SER A 32 4.72 -13.98 -19.13
CA SER A 32 4.01 -13.38 -18.01
C SER A 32 4.83 -13.49 -16.73
N GLY A 33 4.66 -12.52 -15.85
CA GLY A 33 5.25 -12.69 -14.53
C GLY A 33 4.78 -13.98 -13.87
N GLN A 34 5.74 -14.76 -13.35
CA GLN A 34 5.46 -16.03 -12.68
C GLN A 34 5.40 -15.79 -11.19
N ILE A 35 4.35 -16.33 -10.56
CA ILE A 35 4.23 -16.34 -9.11
C ILE A 35 4.41 -17.78 -8.61
N PRO A 36 4.57 -17.99 -7.30
CA PRO A 36 4.98 -19.28 -6.76
C PRO A 36 3.82 -20.24 -6.59
N ILE A 37 3.07 -20.46 -7.69
CA ILE A 37 2.00 -21.46 -7.73
C ILE A 37 2.60 -22.79 -8.14
N ASN A 38 2.25 -23.84 -7.40
CA ASN A 38 2.57 -25.21 -7.83
C ASN A 38 1.66 -25.58 -8.99
N PRO A 39 2.18 -25.77 -10.21
CA PRO A 39 1.27 -26.00 -11.34
C PRO A 39 0.44 -27.26 -11.22
N ASP A 40 0.90 -28.25 -10.45
CA ASP A 40 0.22 -29.53 -10.34
C ASP A 40 -1.01 -29.44 -9.46
N THR A 41 -1.06 -28.50 -8.51
CA THR A 41 -2.18 -28.34 -7.58
C THR A 41 -2.94 -27.05 -7.73
N GLY A 42 -2.30 -26.02 -8.30
CA GLY A 42 -2.86 -24.68 -8.40
C GLY A 42 -2.75 -23.85 -7.13
N ASP A 43 -2.12 -24.37 -6.08
CA ASP A 43 -1.93 -23.67 -4.81
C ASP A 43 -0.62 -22.88 -4.78
N LEU A 44 -0.65 -21.72 -4.10
CA LEU A 44 0.57 -21.04 -3.74
C LEU A 44 1.35 -21.89 -2.75
N VAL A 45 2.66 -21.96 -2.93
CA VAL A 45 3.46 -22.72 -1.99
C VAL A 45 3.57 -21.97 -0.66
N GLU A 46 4.23 -22.60 0.30
CA GLU A 46 4.36 -22.05 1.66
C GLU A 46 4.92 -20.63 1.65
N ASN A 47 4.56 -19.87 2.71
CA ASN A 47 5.02 -18.49 2.91
C ASN A 47 6.49 -18.47 3.38
N ASP A 48 7.38 -18.80 2.44
CA ASP A 48 8.82 -18.95 2.67
C ASP A 48 9.50 -18.44 1.40
N ILE A 49 10.29 -17.35 1.52
CA ILE A 49 10.83 -16.72 0.31
C ILE A 49 11.69 -17.69 -0.50
N GLU A 50 12.44 -18.60 0.16
CA GLU A 50 13.30 -19.51 -0.58
C GLU A 50 12.47 -20.51 -1.37
N LYS A 51 11.49 -21.15 -0.73
CA LYS A 51 10.63 -22.10 -1.45
C LYS A 51 9.88 -21.41 -2.59
N GLN A 52 9.45 -20.16 -2.37
CA GLN A 52 8.69 -19.47 -3.40
C GLN A 52 9.56 -19.08 -4.58
N THR A 53 10.81 -18.64 -4.32
CA THR A 53 11.72 -18.35 -5.41
C THR A 53 12.01 -19.57 -6.24
N ARG A 54 12.21 -20.72 -5.58
CA ARG A 54 12.44 -21.96 -6.32
C ARG A 54 11.26 -22.29 -7.21
N GLN A 55 10.03 -22.13 -6.68
CA GLN A 55 8.84 -22.45 -7.48
C GLN A 55 8.74 -21.52 -8.69
N VAL A 56 9.03 -20.22 -8.50
CA VAL A 56 8.91 -19.27 -9.60
C VAL A 56 9.90 -19.61 -10.69
N LEU A 57 11.13 -19.95 -10.31
CA LEU A 57 12.15 -20.24 -11.34
C LEU A 57 11.81 -21.53 -12.07
N LYS A 58 11.26 -22.53 -11.37
CA LYS A 58 10.83 -23.75 -12.06
C LYS A 58 9.68 -23.47 -13.03
N ASN A 59 8.75 -22.59 -12.64
CA ASN A 59 7.65 -22.23 -13.52
C ASN A 59 8.16 -21.52 -14.76
N ILE A 60 9.11 -20.60 -14.59
CA ILE A 60 9.73 -19.95 -15.74
C ILE A 60 10.41 -20.98 -16.63
N ASP A 61 11.18 -21.89 -16.05
CA ASP A 61 11.85 -22.89 -16.87
C ASP A 61 10.86 -23.67 -17.72
N ALA A 62 9.71 -24.06 -17.14
CA ALA A 62 8.72 -24.80 -17.92
C ALA A 62 8.23 -24.02 -19.14
N VAL A 63 8.05 -22.70 -18.98
CA VAL A 63 7.60 -21.86 -20.08
C VAL A 63 8.67 -21.79 -21.16
N LEU A 64 9.93 -21.62 -20.76
CA LEU A 64 11.03 -21.59 -21.72
C LEU A 64 11.08 -22.90 -22.52
N LEU A 65 11.01 -24.04 -21.81
CA LEU A 65 11.12 -25.34 -22.50
C LEU A 65 9.99 -25.51 -23.50
N GLN A 66 8.77 -25.11 -23.14
CA GLN A 66 7.65 -25.30 -24.06
C GLN A 66 7.87 -24.45 -25.31
N ALA A 67 8.50 -23.29 -25.16
CA ALA A 67 8.86 -22.42 -26.27
C ALA A 67 10.05 -22.92 -27.07
N GLY A 68 10.71 -24.00 -26.64
CA GLY A 68 11.88 -24.49 -27.34
C GLY A 68 13.11 -23.65 -27.11
N THR A 69 13.17 -22.94 -25.99
CA THR A 69 14.36 -22.15 -25.69
C THR A 69 14.83 -22.51 -24.28
N THR A 70 15.81 -21.76 -23.73
CA THR A 70 16.39 -22.13 -22.44
C THR A 70 16.74 -20.86 -21.69
N LYS A 71 17.05 -21.06 -20.39
CA LYS A 71 17.39 -19.93 -19.53
C LYS A 71 18.61 -19.18 -20.01
N ASP A 72 19.50 -19.83 -20.78
N ASP A 72 19.51 -19.81 -20.76
CA ASP A 72 20.67 -19.16 -21.34
CA ASP A 72 20.67 -19.03 -21.21
C ASP A 72 20.29 -18.01 -22.25
C ASP A 72 20.31 -17.97 -22.26
N LYS A 73 19.08 -18.01 -22.81
CA LYS A 73 18.62 -16.99 -23.76
C LYS A 73 17.86 -15.84 -23.10
N ILE A 74 17.69 -15.85 -21.78
CA ILE A 74 16.98 -14.75 -21.11
C ILE A 74 17.84 -13.51 -21.18
N VAL A 75 17.22 -12.41 -21.61
CA VAL A 75 17.89 -11.15 -21.85
C VAL A 75 17.72 -10.20 -20.67
N LYS A 76 16.53 -10.18 -20.07
CA LYS A 76 16.18 -9.16 -19.08
C LYS A 76 15.08 -9.74 -18.20
N THR A 77 15.17 -9.49 -16.89
CA THR A 77 14.15 -9.91 -15.93
C THR A 77 13.79 -8.72 -15.05
N THR A 78 12.61 -8.78 -14.43
CA THR A 78 12.25 -7.87 -13.34
C THR A 78 11.81 -8.71 -12.16
N ILE A 79 12.36 -8.43 -11.00
CA ILE A 79 11.94 -9.06 -9.76
C ILE A 79 11.07 -8.09 -8.98
N PHE A 80 9.83 -8.52 -8.73
CA PHE A 80 8.88 -7.79 -7.86
C PHE A 80 8.85 -8.55 -6.54
N ILE A 81 9.27 -7.90 -5.45
N ILE A 81 9.16 -7.85 -5.45
CA ILE A 81 9.25 -8.56 -4.16
CA ILE A 81 9.33 -8.48 -4.15
C ILE A 81 8.49 -7.70 -3.17
C ILE A 81 8.56 -7.67 -3.11
N THR A 82 7.83 -8.36 -2.21
CA THR A 82 7.05 -7.59 -1.24
C THR A 82 7.90 -7.06 -0.09
N ASN A 83 9.15 -7.49 0.04
CA ASN A 83 10.01 -7.05 1.14
C ASN A 83 11.42 -7.01 0.57
N ILE A 84 11.95 -5.81 0.43
CA ILE A 84 13.29 -5.61 -0.15
C ILE A 84 14.34 -6.37 0.65
N ASN A 85 14.10 -6.62 1.92
CA ASN A 85 15.06 -7.38 2.71
C ASN A 85 15.10 -8.86 2.36
N ASN A 86 14.19 -9.32 1.49
CA ASN A 86 14.23 -10.69 1.00
C ASN A 86 15.11 -10.79 -0.24
N SER A 87 15.69 -9.68 -0.70
CA SER A 87 16.45 -9.68 -1.96
C SER A 87 17.61 -10.66 -1.92
N SER A 88 18.32 -10.73 -0.81
CA SER A 88 19.49 -11.61 -0.79
C SER A 88 19.09 -13.07 -0.91
N GLN A 89 18.04 -13.49 -0.19
CA GLN A 89 17.60 -14.87 -0.29
C GLN A 89 17.10 -15.19 -1.69
N VAL A 90 16.42 -14.25 -2.34
CA VAL A 90 16.03 -14.46 -3.74
C VAL A 90 17.27 -14.60 -4.60
N ASN A 91 18.20 -13.65 -4.47
CA ASN A 91 19.43 -13.65 -5.28
C ASN A 91 20.20 -14.95 -5.14
N ASP A 92 20.28 -15.47 -3.90
CA ASP A 92 21.09 -16.67 -3.66
C ASP A 92 20.60 -17.83 -4.52
N ILE A 93 19.27 -17.95 -4.69
CA ILE A 93 18.70 -19.05 -5.48
C ILE A 93 18.65 -18.71 -6.97
N TYR A 94 18.28 -17.47 -7.28
CA TYR A 94 18.29 -17.01 -8.66
C TYR A 94 19.65 -17.23 -9.31
N ALA A 95 20.72 -16.97 -8.56
CA ALA A 95 22.06 -17.18 -9.09
C ALA A 95 22.30 -18.65 -9.44
N ASP A 96 21.82 -19.56 -8.57
CA ASP A 96 21.95 -20.98 -8.83
C ASP A 96 21.33 -21.33 -10.17
N TYR A 97 20.13 -20.82 -10.41
CA TYR A 97 19.41 -21.12 -11.64
C TYR A 97 20.17 -20.63 -12.86
N PHE A 98 20.78 -19.44 -12.75
CA PHE A 98 21.45 -18.85 -13.90
C PHE A 98 22.95 -19.15 -13.96
N LYS A 99 23.49 -19.96 -13.05
CA LYS A 99 24.92 -20.21 -13.04
C LYS A 99 25.39 -20.73 -14.40
N GLY A 100 26.52 -20.20 -14.86
CA GLY A 100 27.11 -20.63 -16.12
C GLY A 100 26.57 -19.95 -17.35
N THR A 101 25.54 -19.12 -17.21
CA THR A 101 25.03 -18.32 -18.31
C THR A 101 25.50 -16.90 -18.15
N ILE A 102 25.39 -16.12 -19.23
CA ILE A 102 25.56 -14.67 -19.15
C ILE A 102 24.33 -14.10 -18.44
N PHE A 103 24.55 -13.50 -17.27
CA PHE A 103 23.39 -13.18 -16.43
C PHE A 103 22.53 -12.15 -17.13
N PRO A 104 21.22 -12.30 -17.06
CA PRO A 104 20.36 -11.29 -17.69
C PRO A 104 20.54 -9.92 -17.07
N ALA A 105 20.21 -8.89 -17.83
CA ALA A 105 19.94 -7.58 -17.22
C ALA A 105 18.73 -7.71 -16.28
N ARG A 106 18.59 -6.75 -15.34
CA ARG A 106 17.62 -7.00 -14.26
C ARG A 106 17.23 -5.68 -13.61
N SER A 107 15.98 -5.61 -13.14
CA SER A 107 15.59 -4.62 -12.15
C SER A 107 14.88 -5.33 -11.00
N THR A 108 15.00 -4.77 -9.79
CA THR A 108 14.38 -5.31 -8.59
C THR A 108 13.71 -4.14 -7.89
N VAL A 109 12.44 -4.31 -7.53
CA VAL A 109 11.71 -3.27 -6.80
C VAL A 109 10.83 -3.91 -5.74
N GLU A 110 10.57 -3.17 -4.65
CA GLU A 110 9.63 -3.63 -3.64
C GLU A 110 8.22 -3.17 -3.98
N VAL A 111 7.34 -4.12 -4.19
CA VAL A 111 5.92 -3.83 -4.43
C VAL A 111 5.14 -4.00 -3.14
N SER A 112 3.90 -3.51 -3.14
N SER A 112 3.92 -3.47 -3.11
CA SER A 112 3.09 -3.52 -1.93
CA SER A 112 3.21 -3.62 -1.84
C SER A 112 2.25 -4.79 -1.78
C SER A 112 2.50 -4.96 -1.76
N ALA A 113 2.01 -5.50 -2.88
CA ALA A 113 1.30 -6.76 -2.85
C ALA A 113 1.41 -7.41 -4.23
N LEU A 114 1.21 -8.73 -4.24
CA LEU A 114 1.28 -9.54 -5.45
C LEU A 114 0.05 -10.44 -5.51
N PRO A 115 -0.27 -10.95 -6.69
CA PRO A 115 -1.39 -11.90 -6.80
C PRO A 115 -1.21 -13.06 -5.84
N LYS A 116 -2.33 -13.47 -5.24
CA LYS A 116 -2.43 -14.61 -4.32
C LYS A 116 -1.60 -14.44 -3.06
N GLY A 117 -1.14 -13.23 -2.76
CA GLY A 117 -0.36 -13.01 -1.57
C GLY A 117 1.06 -13.49 -1.71
N ALA A 118 1.53 -13.67 -2.93
CA ALA A 118 2.91 -14.12 -3.18
C ALA A 118 3.94 -13.14 -2.60
N LEU A 119 5.12 -13.68 -2.27
CA LEU A 119 6.23 -12.84 -1.81
C LEU A 119 7.10 -12.31 -2.94
N VAL A 120 7.03 -12.96 -4.10
CA VAL A 120 7.93 -12.64 -5.20
C VAL A 120 7.21 -13.00 -6.48
N GLU A 121 7.47 -12.22 -7.54
CA GLU A 121 7.00 -12.47 -8.90
C GLU A 121 8.14 -12.12 -9.84
N ILE A 122 8.47 -13.01 -10.79
CA ILE A 122 9.59 -12.70 -11.68
C ILE A 122 9.09 -12.77 -13.11
N GLU A 123 9.38 -11.70 -13.87
CA GLU A 123 9.02 -11.55 -15.27
C GLU A 123 10.29 -11.61 -16.10
N VAL A 124 10.26 -12.35 -17.23
CA VAL A 124 11.42 -12.48 -18.08
C VAL A 124 11.07 -12.25 -19.55
N ILE A 125 12.12 -11.89 -20.29
N ILE A 125 12.07 -11.80 -20.30
CA ILE A 125 12.11 -11.77 -21.75
CA ILE A 125 12.03 -11.88 -21.76
C ILE A 125 13.29 -12.56 -22.28
C ILE A 125 13.25 -12.67 -22.21
N ALA A 126 13.07 -13.40 -23.29
CA ALA A 126 14.13 -14.28 -23.79
C ALA A 126 14.23 -14.17 -25.29
N GLY A 127 15.37 -14.60 -25.83
N GLY A 127 15.48 -14.16 -25.74
CA GLY A 127 15.40 -14.96 -27.24
CA GLY A 127 15.80 -13.92 -27.11
C GLY A 127 14.75 -16.31 -27.48
C GLY A 127 15.95 -15.21 -27.86
N VAL A 128 14.10 -16.44 -28.65
N VAL A 128 15.03 -15.40 -28.82
CA VAL A 128 13.48 -17.71 -29.00
CA VAL A 128 14.73 -16.57 -29.67
C VAL A 128 14.54 -18.70 -29.43
C VAL A 128 13.90 -17.60 -28.92
N ALA B 3 15.59 6.17 -36.71
CA ALA B 3 14.56 5.21 -37.02
C ALA B 3 13.44 5.29 -35.97
N LYS B 4 13.76 5.70 -34.75
CA LYS B 4 12.69 5.76 -33.75
C LYS B 4 11.74 6.89 -34.12
N SER B 5 10.44 6.65 -33.98
CA SER B 5 9.46 7.65 -34.37
C SER B 5 8.43 7.84 -33.27
N VAL B 6 7.87 9.07 -33.20
CA VAL B 6 6.93 9.45 -32.14
C VAL B 6 5.50 9.19 -32.57
N ILE B 7 4.69 8.75 -31.62
CA ILE B 7 3.23 8.72 -31.78
C ILE B 7 2.65 9.87 -31.00
N GLU B 8 1.77 10.65 -31.64
CA GLU B 8 1.13 11.77 -30.95
C GLU B 8 -0.32 11.85 -31.39
N THR B 9 -1.25 11.81 -30.44
CA THR B 9 -2.65 11.94 -30.79
C THR B 9 -3.36 12.76 -29.73
N LYS B 10 -4.21 13.68 -30.17
CA LYS B 10 -4.99 14.44 -29.21
C LYS B 10 -6.05 13.62 -28.49
N ASN B 11 -6.29 12.37 -28.91
CA ASN B 11 -7.24 11.50 -28.23
C ASN B 11 -6.60 10.64 -27.15
N ALA B 12 -5.34 10.89 -26.80
CA ALA B 12 -4.75 10.34 -25.60
C ALA B 12 -4.20 11.50 -24.77
N PRO B 13 -3.95 11.31 -23.47
CA PRO B 13 -3.56 12.45 -22.63
C PRO B 13 -2.29 13.13 -23.15
N SER B 14 -2.35 14.46 -23.20
CA SER B 14 -1.23 15.27 -23.65
C SER B 14 0.04 14.89 -22.91
N ALA B 15 1.13 14.69 -23.66
CA ALA B 15 2.41 14.35 -23.07
C ALA B 15 3.05 15.62 -22.54
N ILE B 16 2.66 16.00 -21.32
CA ILE B 16 3.23 17.14 -20.64
C ILE B 16 4.67 16.81 -20.24
N GLY B 17 5.63 17.50 -20.83
CA GLY B 17 6.98 17.34 -20.39
C GLY B 17 7.75 16.32 -21.19
N PRO B 18 8.75 15.72 -20.56
CA PRO B 18 9.76 14.96 -21.30
C PRO B 18 9.35 13.52 -21.56
N TYR B 19 8.27 13.33 -22.32
CA TYR B 19 7.96 11.97 -22.70
C TYR B 19 7.11 12.01 -23.94
N SER B 20 7.07 10.89 -24.63
CA SER B 20 6.23 10.69 -25.80
C SER B 20 5.12 9.71 -25.43
N GLN B 21 3.93 9.90 -26.01
CA GLN B 21 2.85 8.92 -25.79
C GLN B 21 3.28 7.51 -26.14
N ALA B 22 4.03 7.36 -27.24
CA ALA B 22 4.60 6.07 -27.59
C ALA B 22 5.76 6.29 -28.56
N ILE B 23 6.65 5.31 -28.62
CA ILE B 23 7.76 5.33 -29.56
C ILE B 23 7.67 4.05 -30.37
N CYS B 24 7.83 4.17 -31.69
CA CYS B 24 7.99 2.99 -32.55
C CYS B 24 9.46 2.85 -32.95
N PHE B 25 9.98 1.64 -32.86
CA PHE B 25 11.35 1.35 -33.22
C PHE B 25 11.47 -0.11 -33.62
N ASN B 26 12.05 -0.36 -34.81
CA ASN B 26 12.35 -1.72 -35.28
C ASN B 26 11.14 -2.65 -35.18
N GLY B 27 9.96 -2.15 -35.55
CA GLY B 27 8.76 -2.95 -35.64
C GLY B 27 7.96 -3.11 -34.36
N ILE B 28 8.38 -2.43 -33.27
CA ILE B 28 7.74 -2.55 -31.95
C ILE B 28 7.26 -1.17 -31.54
N LEU B 29 6.05 -1.12 -30.98
CA LEU B 29 5.47 0.08 -30.39
C LEU B 29 5.68 -0.04 -28.89
N TYR B 30 6.45 0.89 -28.31
CA TYR B 30 6.66 0.95 -26.87
C TYR B 30 5.75 2.06 -26.40
N ALA B 31 4.62 1.72 -25.78
CA ALA B 31 3.70 2.75 -25.29
C ALA B 31 4.09 3.19 -23.89
N SER B 32 3.95 4.49 -23.62
CA SER B 32 3.99 4.93 -22.23
C SER B 32 2.85 4.31 -21.42
N GLY B 33 3.09 4.10 -20.13
CA GLY B 33 2.00 3.65 -19.27
C GLY B 33 0.90 4.69 -19.29
N GLN B 34 -0.33 4.22 -19.43
CA GLN B 34 -1.50 5.10 -19.49
C GLN B 34 -2.20 5.10 -18.14
N ILE B 35 -2.50 6.30 -17.65
CA ILE B 35 -3.32 6.51 -16.45
C ILE B 35 -4.66 7.07 -16.91
N PRO B 36 -5.70 7.07 -16.06
CA PRO B 36 -7.05 7.41 -16.51
C PRO B 36 -7.32 8.91 -16.56
N ILE B 37 -6.46 9.64 -17.26
CA ILE B 37 -6.76 11.02 -17.58
C ILE B 37 -7.78 11.03 -18.72
N ASN B 38 -8.80 11.89 -18.61
CA ASN B 38 -9.72 12.04 -19.73
C ASN B 38 -9.15 13.12 -20.65
N PRO B 39 -8.74 12.80 -21.89
CA PRO B 39 -8.14 13.85 -22.72
C PRO B 39 -9.12 14.96 -23.04
N ASP B 40 -10.43 14.69 -23.01
CA ASP B 40 -11.43 15.73 -23.26
C ASP B 40 -11.39 16.82 -22.20
N THR B 41 -11.04 16.45 -20.95
CA THR B 41 -11.01 17.38 -19.82
C THR B 41 -9.62 17.67 -19.29
N GLY B 42 -8.63 16.82 -19.58
CA GLY B 42 -7.33 16.86 -18.96
C GLY B 42 -7.29 16.40 -17.51
N ASP B 43 -8.42 16.02 -16.94
CA ASP B 43 -8.44 15.67 -15.51
C ASP B 43 -8.58 14.16 -15.36
N LEU B 44 -8.15 13.67 -14.20
CA LEU B 44 -8.31 12.26 -13.87
C LEU B 44 -9.78 11.93 -13.65
N VAL B 45 -10.19 10.77 -14.15
CA VAL B 45 -11.49 10.22 -13.86
C VAL B 45 -11.63 9.99 -12.35
N GLU B 46 -12.88 10.00 -11.84
CA GLU B 46 -13.17 9.73 -10.43
C GLU B 46 -12.66 8.35 -10.00
N ASN B 47 -12.61 8.12 -8.68
CA ASN B 47 -12.05 6.87 -8.09
C ASN B 47 -12.99 5.67 -8.18
N ASP B 48 -13.34 5.32 -9.41
CA ASP B 48 -14.12 4.15 -9.72
C ASP B 48 -13.24 3.28 -10.60
N ILE B 49 -12.87 2.09 -10.10
CA ILE B 49 -11.86 1.32 -10.80
C ILE B 49 -12.37 0.94 -12.18
N GLU B 50 -13.69 0.73 -12.33
N GLU B 50 -13.68 0.72 -12.30
CA GLU B 50 -14.18 0.36 -13.66
CA GLU B 50 -14.26 0.37 -13.61
C GLU B 50 -14.12 1.54 -14.62
C GLU B 50 -14.12 1.53 -14.59
N LYS B 51 -14.56 2.73 -14.19
CA LYS B 51 -14.41 3.89 -15.05
C LYS B 51 -12.95 4.18 -15.36
N GLN B 52 -12.05 4.04 -14.39
CA GLN B 52 -10.65 4.33 -14.66
C GLN B 52 -10.05 3.32 -15.60
N THR B 53 -10.36 2.02 -15.41
CA THR B 53 -9.81 1.04 -16.32
C THR B 53 -10.33 1.25 -17.74
N ARG B 54 -11.61 1.59 -17.89
CA ARG B 54 -12.12 1.86 -19.24
C ARG B 54 -11.43 3.07 -19.87
N GLN B 55 -11.16 4.11 -19.08
CA GLN B 55 -10.47 5.28 -19.63
C GLN B 55 -9.06 4.93 -20.05
N VAL B 56 -8.35 4.15 -19.23
CA VAL B 56 -7.00 3.72 -19.61
C VAL B 56 -7.01 2.97 -20.95
N LEU B 57 -7.96 2.06 -21.12
CA LEU B 57 -8.00 1.29 -22.36
C LEU B 57 -8.43 2.15 -23.54
N LYS B 58 -9.29 3.15 -23.30
CA LYS B 58 -9.64 4.10 -24.36
C LYS B 58 -8.41 4.90 -24.78
N ASN B 59 -7.58 5.27 -23.81
CA ASN B 59 -6.35 6.00 -24.13
C ASN B 59 -5.38 5.12 -24.91
N ILE B 60 -5.23 3.85 -24.49
CA ILE B 60 -4.39 2.93 -25.24
C ILE B 60 -4.92 2.76 -26.65
N ASP B 61 -6.24 2.55 -26.80
CA ASP B 61 -6.86 2.48 -28.14
C ASP B 61 -6.46 3.65 -29.04
N ALA B 62 -6.49 4.86 -28.48
CA ALA B 62 -6.16 6.04 -29.28
C ALA B 62 -4.72 5.99 -29.75
N VAL B 63 -3.81 5.52 -28.88
CA VAL B 63 -2.39 5.41 -29.25
C VAL B 63 -2.21 4.36 -30.36
N LEU B 64 -2.80 3.17 -30.18
CA LEU B 64 -2.71 2.13 -31.21
C LEU B 64 -3.25 2.61 -32.54
N LEU B 65 -4.40 3.29 -32.52
CA LEU B 65 -5.00 3.76 -33.77
C LEU B 65 -4.05 4.71 -34.49
N GLN B 66 -3.48 5.66 -33.74
CA GLN B 66 -2.63 6.65 -34.39
C GLN B 66 -1.34 6.03 -34.92
N ALA B 67 -0.83 5.01 -34.22
CA ALA B 67 0.35 4.27 -34.65
C ALA B 67 0.06 3.31 -35.82
N GLY B 68 -1.19 3.16 -36.24
CA GLY B 68 -1.46 2.20 -37.29
C GLY B 68 -1.32 0.77 -36.87
N THR B 69 -1.66 0.46 -35.63
CA THR B 69 -1.72 -0.94 -35.23
C THR B 69 -3.01 -1.22 -34.46
N THR B 70 -3.12 -2.42 -33.87
CA THR B 70 -4.37 -2.83 -33.25
C THR B 70 -4.10 -3.64 -32.00
N LYS B 71 -5.15 -3.88 -31.23
CA LYS B 71 -4.93 -4.55 -29.96
C LYS B 71 -4.56 -6.02 -30.13
N ASP B 72 -4.88 -6.60 -31.29
N ASP B 72 -4.88 -6.65 -31.27
CA ASP B 72 -4.50 -7.96 -31.63
CA ASP B 72 -4.44 -8.04 -31.39
C ASP B 72 -2.98 -8.12 -31.65
C ASP B 72 -2.94 -8.15 -31.61
N LYS B 73 -2.24 -7.04 -31.86
CA LYS B 73 -0.80 -7.10 -31.96
C LYS B 73 -0.09 -6.82 -30.64
N ILE B 74 -0.84 -6.53 -29.56
CA ILE B 74 -0.23 -6.38 -28.25
C ILE B 74 0.35 -7.72 -27.81
N VAL B 75 1.62 -7.71 -27.37
CA VAL B 75 2.32 -8.94 -26.97
C VAL B 75 2.44 -9.07 -25.47
N LYS B 76 2.47 -7.94 -24.76
CA LYS B 76 2.76 -7.91 -23.34
C LYS B 76 2.13 -6.66 -22.75
N THR B 77 1.53 -6.79 -21.57
CA THR B 77 1.12 -5.61 -20.81
C THR B 77 1.61 -5.76 -19.37
N THR B 78 1.75 -4.63 -18.69
CA THR B 78 1.98 -4.63 -17.26
C THR B 78 0.88 -3.77 -16.65
N ILE B 79 0.24 -4.30 -15.63
CA ILE B 79 -0.85 -3.63 -14.92
C ILE B 79 -0.29 -3.26 -13.58
N PHE B 80 -0.18 -1.96 -13.33
CA PHE B 80 0.19 -1.45 -12.01
C PHE B 80 -1.08 -0.95 -11.35
N ILE B 81 -1.41 -1.48 -10.16
CA ILE B 81 -2.62 -1.03 -9.48
C ILE B 81 -2.27 -0.66 -8.05
N THR B 82 -3.06 0.27 -7.49
CA THR B 82 -2.86 0.62 -6.09
C THR B 82 -3.54 -0.34 -5.11
N ASN B 83 -4.45 -1.19 -5.57
CA ASN B 83 -5.17 -2.10 -4.68
C ASN B 83 -5.33 -3.45 -5.35
N ILE B 84 -4.59 -4.47 -4.87
CA ILE B 84 -4.65 -5.80 -5.49
C ILE B 84 -6.07 -6.37 -5.47
N ASN B 85 -6.95 -5.87 -4.58
CA ASN B 85 -8.35 -6.30 -4.57
C ASN B 85 -9.12 -5.83 -5.79
N ASN B 86 -8.57 -4.88 -6.57
CA ASN B 86 -9.20 -4.46 -7.82
C ASN B 86 -8.85 -5.35 -9.00
N SER B 87 -8.05 -6.39 -8.79
CA SER B 87 -7.61 -7.24 -9.91
C SER B 87 -8.79 -7.85 -10.66
N SER B 88 -9.78 -8.36 -9.94
CA SER B 88 -10.91 -9.02 -10.59
C SER B 88 -11.69 -8.09 -11.51
N GLN B 89 -11.96 -6.85 -11.04
CA GLN B 89 -12.72 -5.88 -11.84
C GLN B 89 -11.92 -5.44 -13.06
N VAL B 90 -10.62 -5.24 -12.88
CA VAL B 90 -9.77 -4.91 -14.01
C VAL B 90 -9.77 -6.05 -15.01
N ASN B 91 -9.54 -7.27 -14.52
CA ASN B 91 -9.51 -8.45 -15.38
C ASN B 91 -10.77 -8.59 -16.25
N ASP B 92 -11.96 -8.35 -15.67
CA ASP B 92 -13.17 -8.58 -16.45
C ASP B 92 -13.25 -7.59 -17.60
N ILE B 93 -12.85 -6.34 -17.37
CA ILE B 93 -12.90 -5.32 -18.41
C ILE B 93 -11.83 -5.59 -19.43
N TYR B 94 -10.63 -5.93 -18.94
CA TYR B 94 -9.49 -6.19 -19.79
C TYR B 94 -9.77 -7.40 -20.68
N ALA B 95 -10.47 -8.41 -20.14
CA ALA B 95 -10.86 -9.57 -20.92
C ALA B 95 -11.83 -9.22 -22.05
N ASP B 96 -12.87 -8.43 -21.74
CA ASP B 96 -13.77 -7.97 -22.80
C ASP B 96 -13.00 -7.24 -23.88
N TYR B 97 -12.08 -6.37 -23.47
CA TYR B 97 -11.24 -5.61 -24.39
C TYR B 97 -10.48 -6.52 -25.36
N PHE B 98 -9.89 -7.60 -24.86
CA PHE B 98 -9.06 -8.48 -25.69
C PHE B 98 -9.83 -9.67 -26.27
N LYS B 99 -11.16 -9.71 -26.15
CA LYS B 99 -11.91 -10.84 -26.69
C LYS B 99 -11.62 -11.03 -28.17
N GLY B 100 -11.42 -12.28 -28.56
CA GLY B 100 -11.18 -12.55 -29.97
C GLY B 100 -9.74 -12.41 -30.41
N THR B 101 -8.83 -12.15 -29.48
CA THR B 101 -7.40 -12.06 -29.75
C THR B 101 -6.70 -13.09 -28.88
N ILE B 102 -5.46 -13.42 -29.23
CA ILE B 102 -4.62 -14.20 -28.31
C ILE B 102 -4.23 -13.27 -27.16
N PHE B 103 -4.60 -13.63 -25.93
CA PHE B 103 -4.36 -12.72 -24.81
C PHE B 103 -2.86 -12.42 -24.68
N PRO B 104 -2.48 -11.17 -24.44
CA PRO B 104 -1.05 -10.84 -24.24
C PRO B 104 -0.48 -11.56 -23.03
N ALA B 105 0.85 -11.65 -23.01
CA ALA B 105 1.52 -11.92 -21.75
C ALA B 105 1.26 -10.74 -20.81
N ARG B 106 1.40 -10.98 -19.51
CA ARG B 106 0.98 -9.96 -18.55
C ARG B 106 1.71 -10.13 -17.23
N SER B 107 1.90 -9.01 -16.55
CA SER B 107 2.21 -9.03 -15.13
C SER B 107 1.33 -7.99 -14.44
N THR B 108 0.90 -8.31 -13.20
CA THR B 108 0.02 -7.47 -12.39
C THR B 108 0.68 -7.34 -11.04
N VAL B 109 0.87 -6.11 -10.55
CA VAL B 109 1.47 -5.92 -9.23
C VAL B 109 0.78 -4.74 -8.57
N GLU B 110 0.72 -4.77 -7.24
CA GLU B 110 0.21 -3.63 -6.46
C GLU B 110 1.39 -2.75 -6.08
N VAL B 111 1.36 -1.50 -6.51
CA VAL B 111 2.40 -0.56 -6.19
C VAL B 111 1.95 0.38 -5.09
N SER B 112 2.90 1.12 -4.52
CA SER B 112 2.60 2.02 -3.41
C SER B 112 1.80 3.24 -3.86
N ALA B 113 2.06 3.77 -5.05
CA ALA B 113 1.24 4.88 -5.55
C ALA B 113 1.46 5.05 -7.04
N LEU B 114 0.57 5.82 -7.67
CA LEU B 114 0.66 6.09 -9.09
C LEU B 114 0.55 7.58 -9.36
N PRO B 115 0.99 8.03 -10.55
CA PRO B 115 0.80 9.45 -10.91
C PRO B 115 -0.65 9.92 -10.74
N LYS B 116 -0.79 11.14 -10.22
CA LYS B 116 -2.08 11.81 -10.01
C LYS B 116 -3.02 11.04 -9.08
N GLY B 117 -2.48 10.11 -8.29
CA GLY B 117 -3.31 9.33 -7.42
C GLY B 117 -4.16 8.29 -8.13
N ALA B 118 -3.83 7.94 -9.38
CA ALA B 118 -4.61 6.98 -10.13
C ALA B 118 -4.67 5.61 -9.43
N LEU B 119 -5.79 4.89 -9.68
CA LEU B 119 -5.94 3.52 -9.19
C LEU B 119 -5.22 2.51 -10.08
N VAL B 120 -4.91 2.85 -11.33
CA VAL B 120 -4.46 1.86 -12.32
C VAL B 120 -3.62 2.58 -13.37
N GLU B 121 -2.52 1.94 -13.78
CA GLU B 121 -1.70 2.37 -14.91
C GLU B 121 -1.41 1.12 -15.73
N ILE B 122 -1.60 1.18 -17.05
CA ILE B 122 -1.34 -0.01 -17.87
C ILE B 122 -0.36 0.33 -18.96
N GLU B 123 0.74 -0.44 -19.04
CA GLU B 123 1.78 -0.25 -20.06
C GLU B 123 1.69 -1.37 -21.08
N VAL B 124 1.72 -1.05 -22.37
CA VAL B 124 1.64 -2.10 -23.36
C VAL B 124 2.83 -2.05 -24.32
N ILE B 125 3.16 -3.24 -24.88
CA ILE B 125 4.12 -3.39 -25.97
C ILE B 125 3.38 -4.08 -27.12
N ALA B 126 3.53 -3.59 -28.35
CA ALA B 126 2.81 -4.16 -29.48
C ALA B 126 3.70 -4.23 -30.71
N GLY B 127 3.38 -5.15 -31.61
CA GLY B 127 3.90 -5.01 -32.96
C GLY B 127 3.20 -3.86 -33.67
N VAL B 128 3.93 -3.22 -34.57
CA VAL B 128 3.36 -2.15 -35.38
C VAL B 128 2.46 -2.78 -36.42
N ALA C 3 22.96 -13.44 -31.16
CA ALA C 3 22.99 -13.91 -29.78
C ALA C 3 23.16 -12.73 -28.84
N LYS C 4 22.81 -12.96 -27.59
CA LYS C 4 22.93 -11.87 -26.64
C LYS C 4 24.40 -11.63 -26.32
N SER C 5 24.70 -10.37 -25.96
CA SER C 5 26.06 -9.98 -25.59
C SER C 5 26.00 -9.12 -24.35
N VAL C 6 27.05 -9.19 -23.54
CA VAL C 6 27.04 -8.46 -22.26
C VAL C 6 27.67 -7.09 -22.44
N ILE C 7 27.22 -6.12 -21.64
CA ILE C 7 27.86 -4.82 -21.50
C ILE C 7 28.41 -4.74 -20.09
N GLU C 8 29.69 -4.37 -19.97
N GLU C 8 29.70 -4.38 -19.98
CA GLU C 8 30.38 -4.27 -18.69
CA GLU C 8 30.41 -4.31 -18.70
C GLU C 8 31.32 -3.08 -18.76
C GLU C 8 31.32 -3.09 -18.76
N THR C 9 31.18 -2.17 -17.80
CA THR C 9 32.11 -1.04 -17.72
C THR C 9 32.33 -0.67 -16.26
N LYS C 10 33.59 -0.39 -15.91
CA LYS C 10 33.86 0.08 -14.56
C LYS C 10 33.39 1.51 -14.33
N ASN C 11 32.86 2.17 -15.36
CA ASN C 11 32.31 3.51 -15.25
C ASN C 11 30.88 3.50 -14.73
N ALA C 12 30.27 2.32 -14.60
CA ALA C 12 28.94 2.13 -14.04
C ALA C 12 29.06 1.22 -12.83
N PRO C 13 28.09 1.25 -11.92
CA PRO C 13 28.23 0.48 -10.68
C PRO C 13 28.40 -1.00 -10.99
N SER C 14 29.33 -1.65 -10.27
CA SER C 14 29.50 -3.10 -10.40
C SER C 14 28.22 -3.80 -10.03
N ALA C 15 27.84 -4.75 -10.89
CA ALA C 15 26.69 -5.58 -10.59
C ALA C 15 27.11 -6.57 -9.53
N ILE C 16 26.42 -6.52 -8.39
N ILE C 16 26.45 -6.51 -8.38
CA ILE C 16 26.71 -7.42 -7.28
CA ILE C 16 26.67 -7.49 -7.32
C ILE C 16 25.86 -8.66 -7.40
C ILE C 16 25.68 -8.61 -7.53
N GLY C 17 24.54 -8.47 -7.29
N GLY C 17 26.18 -9.84 -7.68
CA GLY C 17 23.60 -9.52 -7.53
CA GLY C 17 25.34 -11.01 -7.79
C GLY C 17 23.91 -10.17 -8.87
C GLY C 17 25.00 -11.37 -9.22
N PRO C 18 23.33 -11.30 -9.11
N PRO C 18 23.91 -11.99 -9.41
CA PRO C 18 23.58 -12.12 -10.32
CA PRO C 18 23.59 -12.54 -10.74
C PRO C 18 22.90 -11.56 -11.55
C PRO C 18 22.83 -11.58 -11.67
N TYR C 19 23.44 -10.44 -12.01
CA TYR C 19 22.88 -9.70 -13.15
C TYR C 19 24.00 -8.99 -13.90
N SER C 20 23.70 -8.60 -15.13
CA SER C 20 24.65 -7.86 -15.95
C SER C 20 24.20 -6.41 -16.04
N GLN C 21 25.16 -5.48 -16.18
CA GLN C 21 24.78 -4.06 -16.32
C GLN C 21 23.80 -3.83 -17.49
N ALA C 22 24.04 -4.48 -18.62
CA ALA C 22 23.06 -4.47 -19.70
C ALA C 22 23.33 -5.68 -20.59
N ILE C 23 22.32 -6.02 -21.38
CA ILE C 23 22.42 -7.08 -22.37
C ILE C 23 21.95 -6.50 -23.70
N CYS C 24 22.68 -6.79 -24.78
CA CYS C 24 22.23 -6.42 -26.11
C CYS C 24 21.73 -7.66 -26.84
N PHE C 25 20.62 -7.50 -27.54
CA PHE C 25 20.07 -8.62 -28.29
C PHE C 25 19.27 -8.08 -29.47
N ASN C 26 19.62 -8.55 -30.67
N ASN C 26 19.56 -8.59 -30.68
CA ASN C 26 18.93 -8.18 -31.90
CA ASN C 26 18.90 -8.15 -31.92
C ASN C 26 18.82 -6.66 -32.03
C ASN C 26 18.82 -6.64 -32.02
N GLY C 27 19.91 -5.96 -31.71
CA GLY C 27 19.99 -4.54 -31.92
C GLY C 27 19.31 -3.68 -30.87
N ILE C 28 18.91 -4.26 -29.75
CA ILE C 28 18.27 -3.54 -28.65
C ILE C 28 19.13 -3.70 -27.41
N LEU C 29 19.37 -2.62 -26.69
CA LEU C 29 20.08 -2.63 -25.42
C LEU C 29 19.06 -2.68 -24.28
N TYR C 30 19.09 -3.75 -23.48
CA TYR C 30 18.26 -3.85 -22.28
C TYR C 30 19.15 -3.53 -21.11
N ALA C 31 19.00 -2.32 -20.55
CA ALA C 31 19.81 -1.94 -19.39
C ALA C 31 19.15 -2.39 -18.09
N SER C 32 19.97 -2.83 -17.13
CA SER C 32 19.48 -3.04 -15.77
C SER C 32 19.06 -1.72 -15.17
N GLY C 33 18.07 -1.75 -14.28
CA GLY C 33 17.70 -0.53 -13.56
C GLY C 33 18.91 0.01 -12.84
N GLN C 34 19.16 1.30 -13.00
CA GLN C 34 20.30 1.94 -12.36
C GLN C 34 19.83 2.64 -11.11
N ILE C 35 20.59 2.47 -10.02
CA ILE C 35 20.33 3.15 -8.75
C ILE C 35 21.49 4.12 -8.52
N PRO C 36 21.37 5.06 -7.55
CA PRO C 36 22.33 6.18 -7.46
C PRO C 36 23.62 5.81 -6.74
N ILE C 37 24.26 4.70 -7.21
CA ILE C 37 25.54 4.27 -6.64
C ILE C 37 26.68 5.02 -7.31
N ASN C 38 27.64 5.46 -6.50
CA ASN C 38 28.93 5.91 -7.03
C ASN C 38 29.78 4.69 -7.42
N PRO C 39 30.11 4.51 -8.70
CA PRO C 39 30.81 3.27 -9.09
C PRO C 39 32.16 3.09 -8.40
N ASP C 40 32.82 4.19 -8.04
CA ASP C 40 34.13 4.14 -7.39
C ASP C 40 34.08 3.58 -5.96
N THR C 41 32.95 3.66 -5.28
CA THR C 41 32.87 3.18 -3.90
C THR C 41 31.84 2.07 -3.69
N GLY C 42 30.85 1.96 -4.57
CA GLY C 42 29.72 1.06 -4.33
C GLY C 42 28.65 1.61 -3.40
N ASP C 43 28.82 2.82 -2.88
CA ASP C 43 27.87 3.39 -1.94
C ASP C 43 26.90 4.31 -2.67
N LEU C 44 25.67 4.46 -2.13
CA LEU C 44 24.80 5.52 -2.63
C LEU C 44 25.40 6.89 -2.40
N VAL C 45 25.08 7.81 -3.30
CA VAL C 45 25.37 9.23 -3.06
C VAL C 45 24.40 9.76 -2.01
N GLU C 46 24.40 11.07 -1.81
N GLU C 46 24.40 11.07 -1.80
CA GLU C 46 23.66 11.71 -0.71
CA GLU C 46 23.66 11.66 -0.70
C GLU C 46 22.17 11.38 -0.80
C GLU C 46 22.17 11.34 -0.79
N ASN C 47 21.50 11.35 0.37
CA ASN C 47 20.08 11.07 0.45
C ASN C 47 19.26 12.29 0.04
N ASP C 48 19.36 12.62 -1.26
CA ASP C 48 18.77 13.82 -1.84
C ASP C 48 18.31 13.45 -3.22
N ILE C 49 17.02 13.69 -3.51
CA ILE C 49 16.46 13.15 -4.73
C ILE C 49 17.15 13.74 -5.95
N GLU C 50 17.52 15.02 -5.92
CA GLU C 50 18.15 15.60 -7.11
C GLU C 50 19.54 15.00 -7.33
N LYS C 51 20.33 14.90 -6.26
CA LYS C 51 21.66 14.30 -6.41
C LYS C 51 21.55 12.86 -6.86
N GLN C 52 20.56 12.11 -6.32
CA GLN C 52 20.44 10.71 -6.71
C GLN C 52 19.99 10.56 -8.17
N THR C 53 19.03 11.37 -8.61
CA THR C 53 18.62 11.29 -10.01
C THR C 53 19.78 11.60 -10.95
N ARG C 54 20.58 12.63 -10.62
N ARG C 54 20.58 12.62 -10.62
CA ARG C 54 21.74 12.95 -11.44
CA ARG C 54 21.73 12.91 -11.48
C ARG C 54 22.69 11.75 -11.53
C ARG C 54 22.69 11.72 -11.54
N GLN C 55 22.91 11.04 -10.42
CA GLN C 55 23.84 9.91 -10.43
C GLN C 55 23.31 8.75 -11.27
N VAL C 56 22.02 8.48 -11.15
CA VAL C 56 21.38 7.43 -11.95
C VAL C 56 21.62 7.69 -13.42
N LEU C 57 21.43 8.94 -13.83
CA LEU C 57 21.54 9.26 -15.25
C LEU C 57 22.99 9.19 -15.71
N LYS C 58 23.94 9.61 -14.87
N LYS C 58 23.92 9.59 -14.85
CA LYS C 58 25.35 9.40 -15.17
CA LYS C 58 25.35 9.41 -15.13
C LYS C 58 25.65 7.92 -15.37
C LYS C 58 25.68 7.93 -15.33
N ASN C 59 25.12 7.06 -14.47
CA ASN C 59 25.37 5.64 -14.59
C ASN C 59 24.79 5.09 -15.89
N ILE C 60 23.58 5.54 -16.24
CA ILE C 60 22.98 5.12 -17.51
C ILE C 60 23.85 5.56 -18.67
N ASP C 61 24.33 6.81 -18.63
CA ASP C 61 25.21 7.31 -19.70
C ASP C 61 26.42 6.39 -19.86
N ALA C 62 27.01 5.95 -18.74
CA ALA C 62 28.21 5.12 -18.81
C ALA C 62 27.91 3.78 -19.47
N VAL C 63 26.74 3.20 -19.17
CA VAL C 63 26.33 1.95 -19.81
C VAL C 63 26.11 2.14 -21.31
N LEU C 64 25.40 3.21 -21.69
CA LEU C 64 25.16 3.47 -23.11
C LEU C 64 26.48 3.62 -23.88
N LEU C 65 27.42 4.40 -23.32
CA LEU C 65 28.69 4.64 -24.01
C LEU C 65 29.48 3.34 -24.21
N GLN C 66 29.51 2.48 -23.18
CA GLN C 66 30.21 1.22 -23.33
C GLN C 66 29.57 0.35 -24.42
N ALA C 67 28.24 0.45 -24.57
CA ALA C 67 27.54 -0.25 -25.63
C ALA C 67 27.67 0.43 -26.97
N GLY C 68 28.34 1.58 -27.04
CA GLY C 68 28.48 2.25 -28.32
C GLY C 68 27.23 2.96 -28.79
N THR C 69 26.32 3.31 -27.87
CA THR C 69 25.13 4.04 -28.27
C THR C 69 24.99 5.31 -27.43
N THR C 70 23.84 5.98 -27.48
CA THR C 70 23.70 7.27 -26.82
C THR C 70 22.27 7.42 -26.33
N LYS C 71 22.06 8.44 -25.49
CA LYS C 71 20.73 8.61 -24.94
C LYS C 71 19.69 8.98 -25.99
N ASP C 72 20.07 9.54 -27.14
N ASP C 72 20.12 9.53 -27.14
CA ASP C 72 19.00 9.84 -28.09
CA ASP C 72 19.23 9.83 -28.25
C ASP C 72 18.45 8.58 -28.75
C ASP C 72 18.47 8.59 -28.71
N LYS C 73 19.04 7.41 -28.49
CA LYS C 73 18.48 6.18 -29.00
C LYS C 73 17.60 5.46 -27.99
N ILE C 74 17.43 6.03 -26.79
CA ILE C 74 16.55 5.39 -25.81
C ILE C 74 15.12 5.45 -26.30
N VAL C 75 14.44 4.29 -26.25
CA VAL C 75 13.06 4.21 -26.75
C VAL C 75 12.05 4.24 -25.62
N LYS C 76 12.41 3.73 -24.45
CA LYS C 76 11.45 3.55 -23.37
C LYS C 76 12.20 3.54 -22.04
N THR C 77 11.62 4.19 -21.03
CA THR C 77 12.17 4.10 -19.68
C THR C 77 11.06 3.75 -18.70
N THR C 78 11.47 3.24 -17.54
CA THR C 78 10.60 3.13 -16.39
C THR C 78 11.29 3.83 -15.23
N ILE C 79 10.57 4.72 -14.59
CA ILE C 79 11.06 5.45 -13.41
C ILE C 79 10.38 4.83 -12.21
N PHE C 80 11.16 4.24 -11.31
CA PHE C 80 10.66 3.74 -10.03
C PHE C 80 11.11 4.71 -8.95
N ILE C 81 10.15 5.30 -8.21
CA ILE C 81 10.54 6.23 -7.15
C ILE C 81 9.88 5.79 -5.86
N THR C 82 10.54 6.11 -4.73
CA THR C 82 9.95 5.74 -3.46
C THR C 82 8.92 6.75 -2.99
N ASN C 83 8.86 7.93 -3.61
CA ASN C 83 7.95 8.98 -3.14
C ASN C 83 7.39 9.71 -4.35
N ILE C 84 6.10 9.49 -4.64
CA ILE C 84 5.47 10.09 -5.82
C ILE C 84 5.57 11.62 -5.77
N ASN C 85 5.68 12.20 -4.57
CA ASN C 85 5.81 13.64 -4.45
C ASN C 85 7.16 14.15 -4.94
N ASN C 86 8.12 13.27 -5.20
CA ASN C 86 9.38 13.63 -5.83
C ASN C 86 9.31 13.64 -7.35
N SER C 87 8.14 13.39 -7.95
CA SER C 87 8.06 13.24 -9.40
C SER C 87 8.52 14.49 -10.11
N SER C 88 8.11 15.67 -9.63
N SER C 88 8.10 15.66 -9.62
CA SER C 88 8.43 16.89 -10.37
CA SER C 88 8.42 16.91 -10.31
C SER C 88 9.94 17.13 -10.38
C SER C 88 9.93 17.12 -10.37
N GLN C 89 10.61 16.92 -9.23
CA GLN C 89 12.06 17.12 -9.21
C GLN C 89 12.77 16.11 -10.10
N VAL C 90 12.34 14.84 -10.08
CA VAL C 90 12.93 13.86 -10.98
C VAL C 90 12.69 14.24 -12.43
N ASN C 91 11.45 14.64 -12.73
CA ASN C 91 11.11 14.97 -14.11
C ASN C 91 11.96 16.11 -14.63
N ASP C 92 12.22 17.13 -13.81
CA ASP C 92 12.94 18.27 -14.37
C ASP C 92 14.39 17.90 -14.70
N ILE C 93 15.02 17.07 -13.88
CA ILE C 93 16.39 16.62 -14.16
C ILE C 93 16.40 15.70 -15.37
N TYR C 94 15.44 14.78 -15.40
CA TYR C 94 15.25 13.89 -16.54
C TYR C 94 15.03 14.69 -17.83
N ALA C 95 14.17 15.73 -17.78
CA ALA C 95 13.96 16.58 -18.95
C ALA C 95 15.26 17.23 -19.42
N ASP C 96 16.11 17.67 -18.50
N ASP C 96 16.11 17.68 -18.50
CA ASP C 96 17.37 18.29 -18.91
CA ASP C 96 17.37 18.28 -18.90
C ASP C 96 18.29 17.28 -19.58
C ASP C 96 18.27 17.27 -19.59
N TYR C 97 18.32 16.05 -19.05
CA TYR C 97 19.12 14.99 -19.65
C TYR C 97 18.68 14.70 -21.09
N PHE C 98 17.38 14.75 -21.36
CA PHE C 98 16.89 14.36 -22.67
C PHE C 98 16.66 15.55 -23.59
N LYS C 99 17.03 16.75 -23.14
CA LYS C 99 16.79 17.93 -23.96
C LYS C 99 17.45 17.77 -25.33
N GLY C 100 16.72 18.12 -26.38
CA GLY C 100 17.28 18.01 -27.71
C GLY C 100 17.12 16.63 -28.35
N THR C 101 16.50 15.68 -27.67
CA THR C 101 16.21 14.36 -28.25
C THR C 101 14.71 14.17 -28.35
N ILE C 102 14.34 13.17 -29.12
CA ILE C 102 12.97 12.70 -29.15
C ILE C 102 12.69 11.97 -27.85
N PHE C 103 11.77 12.48 -27.05
CA PHE C 103 11.59 11.94 -25.71
C PHE C 103 11.17 10.47 -25.75
N PRO C 104 11.78 9.62 -24.94
CA PRO C 104 11.33 8.22 -24.85
C PRO C 104 9.88 8.09 -24.36
N ALA C 105 9.27 6.97 -24.71
CA ALA C 105 8.12 6.52 -23.93
C ALA C 105 8.53 6.27 -22.47
N ARG C 106 7.55 6.35 -21.56
CA ARG C 106 7.88 6.40 -20.14
C ARG C 106 6.73 5.80 -19.33
N SER C 107 7.08 5.08 -18.26
CA SER C 107 6.13 4.77 -17.19
C SER C 107 6.76 5.17 -15.87
N THR C 108 5.92 5.58 -14.92
CA THR C 108 6.37 6.02 -13.59
C THR C 108 5.48 5.39 -12.54
N VAL C 109 6.08 4.80 -11.52
CA VAL C 109 5.33 4.25 -10.41
C VAL C 109 6.07 4.54 -9.12
N GLU C 110 5.31 4.64 -8.02
CA GLU C 110 5.90 4.73 -6.70
C GLU C 110 5.95 3.34 -6.09
N VAL C 111 7.13 2.94 -5.64
CA VAL C 111 7.31 1.67 -4.95
C VAL C 111 7.67 1.96 -3.51
N SER C 112 7.57 0.94 -2.66
CA SER C 112 7.79 1.27 -1.26
C SER C 112 9.26 1.21 -0.86
N ALA C 113 10.10 0.57 -1.67
CA ALA C 113 11.51 0.50 -1.36
C ALA C 113 12.25 0.08 -2.63
N LEU C 114 13.55 0.39 -2.65
CA LEU C 114 14.46 0.12 -3.75
C LEU C 114 15.73 -0.45 -3.19
N PRO C 115 16.54 -1.11 -4.01
CA PRO C 115 17.82 -1.64 -3.52
C PRO C 115 18.67 -0.55 -2.85
N LYS C 116 19.36 -0.93 -1.78
CA LYS C 116 20.26 -0.06 -1.02
C LYS C 116 19.57 1.15 -0.41
N GLY C 117 18.23 1.18 -0.39
CA GLY C 117 17.53 2.33 0.12
C GLY C 117 17.53 3.53 -0.81
N ALA C 118 17.78 3.29 -2.08
CA ALA C 118 17.72 4.35 -3.08
C ALA C 118 16.35 5.02 -3.13
N LEU C 119 16.35 6.30 -3.53
CA LEU C 119 15.10 7.03 -3.74
C LEU C 119 14.57 6.90 -5.16
N VAL C 120 15.39 6.43 -6.10
CA VAL C 120 14.98 6.42 -7.50
C VAL C 120 15.80 5.34 -8.20
N GLU C 121 15.16 4.64 -9.14
CA GLU C 121 15.78 3.61 -9.97
C GLU C 121 15.23 3.78 -11.38
N ILE C 122 16.09 3.89 -12.39
CA ILE C 122 15.57 4.11 -13.74
C ILE C 122 16.08 2.99 -14.66
N GLU C 123 15.15 2.32 -15.36
CA GLU C 123 15.46 1.27 -16.33
C GLU C 123 15.23 1.82 -17.73
N VAL C 124 16.16 1.55 -18.65
CA VAL C 124 16.00 2.04 -20.02
C VAL C 124 16.16 0.91 -21.02
N ILE C 125 15.55 1.11 -22.20
CA ILE C 125 15.72 0.29 -23.39
C ILE C 125 16.17 1.21 -24.53
N ALA C 126 17.22 0.82 -25.26
CA ALA C 126 17.74 1.69 -26.32
C ALA C 126 18.00 0.88 -27.58
N GLY C 127 17.97 1.56 -28.73
CA GLY C 127 18.60 1.00 -29.93
C GLY C 127 20.11 1.07 -29.80
N VAL C 128 20.79 0.06 -30.35
CA VAL C 128 22.22 0.01 -30.19
C VAL C 128 22.90 0.96 -31.19
N ASN D 2 -16.26 3.90 37.92
CA ASN D 2 -16.06 2.50 38.26
C ASN D 2 -14.71 2.02 37.73
N ALA D 3 -13.88 1.46 38.64
CA ALA D 3 -12.53 1.03 38.32
C ALA D 3 -12.56 -0.09 37.28
N LYS D 4 -11.39 -0.39 36.74
CA LYS D 4 -11.33 -1.28 35.60
C LYS D 4 -11.91 -2.66 35.92
N SER D 5 -12.84 -3.17 35.09
CA SER D 5 -13.36 -4.52 35.32
C SER D 5 -13.38 -5.31 34.02
N VAL D 6 -13.23 -6.62 34.15
CA VAL D 6 -13.09 -7.47 32.97
C VAL D 6 -14.46 -8.04 32.59
N ILE D 7 -14.69 -8.20 31.29
CA ILE D 7 -15.84 -8.91 30.74
C ILE D 7 -15.30 -10.20 30.14
N GLU D 8 -15.91 -11.33 30.52
CA GLU D 8 -15.49 -12.63 30.02
C GLU D 8 -16.73 -13.50 29.85
N THR D 9 -16.93 -14.03 28.65
CA THR D 9 -18.06 -14.93 28.40
C THR D 9 -17.65 -16.04 27.44
N LYS D 10 -18.13 -17.26 27.71
CA LYS D 10 -17.88 -18.35 26.78
C LYS D 10 -18.72 -18.24 25.50
N ASN D 11 -19.64 -17.27 25.43
CA ASN D 11 -20.41 -17.04 24.23
C ASN D 11 -19.66 -16.22 23.18
N ALA D 12 -18.48 -15.69 23.49
CA ALA D 12 -17.61 -14.97 22.57
C ALA D 12 -16.27 -15.68 22.52
N PRO D 13 -15.48 -15.46 21.48
CA PRO D 13 -14.26 -16.26 21.34
C PRO D 13 -13.33 -16.09 22.54
N SER D 14 -12.77 -17.21 22.98
N SER D 14 -12.75 -17.21 22.98
CA SER D 14 -11.77 -17.17 24.05
CA SER D 14 -11.78 -17.18 24.06
C SER D 14 -10.62 -16.25 23.64
C SER D 14 -10.59 -16.33 23.68
N ALA D 15 -10.21 -15.40 24.57
CA ALA D 15 -9.09 -14.50 24.32
C ALA D 15 -7.85 -15.33 24.52
N ILE D 16 -7.12 -15.57 23.45
CA ILE D 16 -5.87 -16.32 23.50
C ILE D 16 -4.73 -15.32 23.66
N GLY D 17 -3.95 -15.46 24.72
CA GLY D 17 -2.85 -14.55 24.93
C GLY D 17 -3.30 -13.32 25.68
N PRO D 18 -2.55 -12.25 25.61
CA PRO D 18 -2.65 -11.22 26.65
C PRO D 18 -3.63 -10.10 26.35
N TYR D 19 -4.92 -10.45 26.24
CA TYR D 19 -5.96 -9.42 26.13
C TYR D 19 -7.24 -9.95 26.76
N SER D 20 -8.16 -9.04 27.03
CA SER D 20 -9.48 -9.38 27.56
C SER D 20 -10.54 -9.11 26.50
N GLN D 21 -11.64 -9.85 26.57
CA GLN D 21 -12.69 -9.65 25.57
C GLN D 21 -13.20 -8.22 25.60
N ALA D 22 -13.37 -7.66 26.79
CA ALA D 22 -13.69 -6.24 26.94
C ALA D 22 -13.28 -5.81 28.32
N ILE D 23 -13.09 -4.50 28.46
CA ILE D 23 -12.83 -3.86 29.75
C ILE D 23 -13.88 -2.77 29.96
N CYS D 24 -14.44 -2.73 31.16
CA CYS D 24 -15.34 -1.64 31.57
C CYS D 24 -14.58 -0.67 32.46
N PHE D 25 -14.74 0.64 32.18
CA PHE D 25 -14.07 1.64 33.01
C PHE D 25 -14.87 2.92 32.94
N ASN D 26 -15.21 3.48 34.12
CA ASN D 26 -15.94 4.76 34.21
C ASN D 26 -17.16 4.77 33.29
N GLY D 27 -17.93 3.69 33.29
CA GLY D 27 -19.19 3.63 32.56
C GLY D 27 -19.10 3.35 31.07
N ILE D 28 -17.92 3.05 30.55
CA ILE D 28 -17.68 2.79 29.13
C ILE D 28 -17.15 1.38 29.00
N LEU D 29 -17.73 0.61 28.07
CA LEU D 29 -17.25 -0.71 27.71
C LEU D 29 -16.37 -0.58 26.48
N TYR D 30 -15.09 -0.96 26.62
CA TYR D 30 -14.12 -0.97 25.53
C TYR D 30 -13.99 -2.41 25.08
N ALA D 31 -14.59 -2.75 23.94
CA ALA D 31 -14.55 -4.13 23.45
C ALA D 31 -13.31 -4.34 22.57
N SER D 32 -12.66 -5.48 22.74
CA SER D 32 -11.61 -5.86 21.80
C SER D 32 -12.21 -6.03 20.41
N GLY D 33 -11.39 -5.78 19.40
CA GLY D 33 -11.81 -6.05 18.03
C GLY D 33 -12.18 -7.51 17.92
N GLN D 34 -13.37 -7.79 17.38
CA GLN D 34 -13.82 -9.15 17.18
C GLN D 34 -13.57 -9.59 15.74
N ILE D 35 -13.11 -10.82 15.59
CA ILE D 35 -12.92 -11.42 14.29
C ILE D 35 -13.92 -12.57 14.18
N PRO D 36 -14.11 -13.15 12.99
CA PRO D 36 -15.18 -14.11 12.73
C PRO D 36 -14.92 -15.54 13.25
N ILE D 37 -14.48 -15.63 14.50
CA ILE D 37 -14.24 -16.92 15.15
C ILE D 37 -15.56 -17.48 15.69
N ASN D 38 -15.83 -18.77 15.43
CA ASN D 38 -16.86 -19.50 16.17
C ASN D 38 -16.37 -19.79 17.59
N PRO D 39 -16.97 -19.22 18.63
CA PRO D 39 -16.45 -19.45 20.00
C PRO D 39 -16.36 -20.90 20.40
N ASP D 40 -17.22 -21.74 19.84
CA ASP D 40 -17.23 -23.13 20.25
C ASP D 40 -16.04 -23.89 19.72
N THR D 41 -15.38 -23.39 18.67
CA THR D 41 -14.27 -24.12 18.04
C THR D 41 -12.96 -23.36 18.06
N GLY D 42 -13.00 -22.04 18.18
CA GLY D 42 -11.79 -21.26 18.00
C GLY D 42 -11.38 -21.02 16.56
N ASP D 43 -12.10 -21.55 15.58
CA ASP D 43 -11.75 -21.42 14.17
C ASP D 43 -12.59 -20.33 13.52
N LEU D 44 -12.06 -19.72 12.46
CA LEU D 44 -12.88 -18.84 11.64
C LEU D 44 -14.02 -19.63 11.00
N VAL D 45 -15.13 -18.93 10.77
CA VAL D 45 -16.22 -19.48 9.97
C VAL D 45 -15.79 -19.43 8.49
N GLU D 46 -16.72 -19.77 7.59
CA GLU D 46 -16.40 -19.89 6.17
C GLU D 46 -15.82 -18.60 5.59
N ASN D 47 -15.07 -18.76 4.50
CA ASN D 47 -14.40 -17.65 3.82
C ASN D 47 -15.43 -16.95 2.93
N ASP D 48 -16.33 -16.24 3.58
CA ASP D 48 -17.41 -15.53 2.94
C ASP D 48 -17.68 -14.27 3.75
N ILE D 49 -17.69 -13.10 3.09
CA ILE D 49 -17.71 -11.87 3.86
C ILE D 49 -19.03 -11.74 4.65
N GLU D 50 -20.16 -12.20 4.09
CA GLU D 50 -21.41 -12.03 4.82
C GLU D 50 -21.45 -12.93 6.04
N LYS D 51 -21.02 -14.19 5.90
CA LYS D 51 -21.01 -15.08 7.05
C LYS D 51 -20.04 -14.60 8.12
N GLN D 52 -18.87 -14.09 7.69
CA GLN D 52 -17.88 -13.58 8.65
C GLN D 52 -18.39 -12.33 9.36
N THR D 53 -19.03 -11.42 8.64
CA THR D 53 -19.55 -10.23 9.31
C THR D 53 -20.65 -10.62 10.28
N ARG D 54 -21.52 -11.55 9.89
CA ARG D 54 -22.56 -12.02 10.82
C ARG D 54 -21.92 -12.58 12.10
N GLN D 55 -20.81 -13.34 11.97
CA GLN D 55 -20.21 -13.93 13.17
C GLN D 55 -19.54 -12.88 14.06
N VAL D 56 -18.88 -11.90 13.45
CA VAL D 56 -18.29 -10.83 14.21
C VAL D 56 -19.36 -10.14 15.06
N LEU D 57 -20.51 -9.88 14.47
CA LEU D 57 -21.54 -9.13 15.19
C LEU D 57 -22.20 -9.98 16.26
N LYS D 58 -22.36 -11.28 16.01
CA LYS D 58 -22.75 -12.21 17.07
C LYS D 58 -21.75 -12.18 18.22
N ASN D 59 -20.46 -12.16 17.90
CA ASN D 59 -19.47 -12.16 18.97
C ASN D 59 -19.53 -10.86 19.78
N ILE D 60 -19.64 -9.73 19.10
CA ILE D 60 -19.83 -8.45 19.78
C ILE D 60 -21.09 -8.50 20.67
N ASP D 61 -22.20 -9.00 20.13
CA ASP D 61 -23.43 -9.08 20.90
C ASP D 61 -23.22 -9.86 22.20
N ALA D 62 -22.47 -10.96 22.13
CA ALA D 62 -22.30 -11.78 23.32
C ALA D 62 -21.52 -11.05 24.39
N VAL D 63 -20.49 -10.29 23.97
CA VAL D 63 -19.73 -9.46 24.92
C VAL D 63 -20.63 -8.42 25.57
N LEU D 64 -21.45 -7.72 24.77
CA LEU D 64 -22.36 -6.72 25.34
C LEU D 64 -23.31 -7.35 26.34
N LEU D 65 -23.95 -8.46 25.96
CA LEU D 65 -24.91 -9.09 26.85
C LEU D 65 -24.25 -9.57 28.14
N GLN D 66 -23.01 -10.05 28.06
CA GLN D 66 -22.33 -10.47 29.28
C GLN D 66 -22.17 -9.31 30.24
N ALA D 67 -21.88 -8.11 29.70
CA ALA D 67 -21.75 -6.91 30.52
C ALA D 67 -23.09 -6.31 30.96
N GLY D 68 -24.21 -6.88 30.56
CA GLY D 68 -25.49 -6.30 30.93
C GLY D 68 -25.85 -5.10 30.09
N THR D 69 -25.29 -4.96 28.90
CA THR D 69 -25.66 -3.85 28.06
C THR D 69 -26.13 -4.40 26.70
N THR D 70 -26.41 -3.49 25.76
CA THR D 70 -26.98 -3.91 24.48
C THR D 70 -26.39 -3.08 23.36
N LYS D 71 -26.66 -3.53 22.12
CA LYS D 71 -26.16 -2.81 20.96
C LYS D 71 -26.72 -1.40 20.85
N ASP D 72 -27.88 -1.14 21.45
CA ASP D 72 -28.44 0.20 21.45
C ASP D 72 -27.50 1.20 22.13
N LYS D 73 -26.60 0.72 22.98
CA LYS D 73 -25.73 1.61 23.73
C LYS D 73 -24.37 1.84 23.05
N ILE D 74 -24.09 1.23 21.90
CA ILE D 74 -22.81 1.42 21.22
C ILE D 74 -22.72 2.87 20.74
N VAL D 75 -21.57 3.48 21.00
N VAL D 75 -21.57 3.51 20.99
CA VAL D 75 -21.35 4.88 20.69
CA VAL D 75 -21.45 4.90 20.57
C VAL D 75 -20.52 5.04 19.43
C VAL D 75 -20.53 5.04 19.36
N LYS D 76 -19.56 4.14 19.22
CA LYS D 76 -18.57 4.30 18.16
C LYS D 76 -18.07 2.91 17.77
N THR D 77 -17.89 2.69 16.47
CA THR D 77 -17.28 1.44 16.01
C THR D 77 -16.18 1.78 15.03
N THR D 78 -15.26 0.82 14.87
CA THR D 78 -14.32 0.88 13.76
C THR D 78 -14.38 -0.43 13.01
N ILE D 79 -14.56 -0.34 11.70
CA ILE D 79 -14.63 -1.52 10.84
C ILE D 79 -13.29 -1.63 10.11
N PHE D 80 -12.59 -2.73 10.30
CA PHE D 80 -11.36 -3.01 9.55
C PHE D 80 -11.68 -4.14 8.56
N ILE D 81 -11.53 -3.89 7.26
CA ILE D 81 -11.78 -4.95 6.28
C ILE D 81 -10.56 -5.16 5.41
N THR D 82 -10.36 -6.39 4.89
CA THR D 82 -9.23 -6.64 4.00
C THR D 82 -9.50 -6.21 2.56
N ASN D 83 -10.74 -5.87 2.23
CA ASN D 83 -11.06 -5.58 0.84
C ASN D 83 -12.14 -4.51 0.86
N ILE D 84 -11.78 -3.29 0.44
CA ILE D 84 -12.71 -2.17 0.44
C ILE D 84 -13.92 -2.46 -0.44
N ASN D 85 -13.79 -3.35 -1.43
CA ASN D 85 -14.89 -3.72 -2.30
C ASN D 85 -15.93 -4.57 -1.57
N ASN D 86 -15.62 -5.03 -0.37
CA ASN D 86 -16.59 -5.74 0.47
C ASN D 86 -17.40 -4.78 1.31
N SER D 87 -17.17 -3.47 1.17
CA SER D 87 -17.83 -2.52 2.06
C SER D 87 -19.33 -2.67 2.03
N SER D 88 -19.92 -2.81 0.83
CA SER D 88 -21.39 -2.79 0.80
C SER D 88 -21.98 -4.02 1.50
N GLN D 89 -21.35 -5.19 1.30
CA GLN D 89 -21.87 -6.39 1.95
C GLN D 89 -21.71 -6.30 3.46
N VAL D 90 -20.58 -5.77 3.93
CA VAL D 90 -20.39 -5.60 5.37
C VAL D 90 -21.44 -4.65 5.92
N ASN D 91 -21.63 -3.52 5.21
CA ASN D 91 -22.62 -2.54 5.68
C ASN D 91 -24.02 -3.13 5.72
N ASP D 92 -24.35 -4.00 4.76
CA ASP D 92 -25.68 -4.61 4.73
C ASP D 92 -25.93 -5.42 6.01
N ILE D 93 -24.95 -6.25 6.39
CA ILE D 93 -25.10 -7.11 7.56
C ILE D 93 -25.08 -6.27 8.84
N TYR D 94 -24.17 -5.30 8.87
CA TYR D 94 -24.10 -4.35 9.98
C TYR D 94 -25.40 -3.57 10.14
N ALA D 95 -25.97 -3.10 9.04
CA ALA D 95 -27.28 -2.44 9.13
C ALA D 95 -28.36 -3.34 9.73
N ASP D 96 -28.37 -4.63 9.36
N ASP D 96 -28.38 -4.62 9.33
CA ASP D 96 -29.39 -5.52 9.92
CA ASP D 96 -29.34 -5.57 9.89
C ASP D 96 -29.23 -5.65 11.42
C ASP D 96 -29.22 -5.64 11.40
N TYR D 97 -27.97 -5.75 11.89
CA TYR D 97 -27.73 -5.85 13.33
C TYR D 97 -28.19 -4.60 14.08
N PHE D 98 -27.91 -3.42 13.52
CA PHE D 98 -28.24 -2.17 14.20
C PHE D 98 -29.64 -1.66 13.91
N LYS D 99 -30.42 -2.36 13.10
CA LYS D 99 -31.78 -1.90 12.76
C LYS D 99 -32.57 -1.62 14.03
N GLY D 100 -33.24 -0.48 14.06
CA GLY D 100 -34.02 -0.13 15.20
C GLY D 100 -33.28 0.67 16.26
N THR D 101 -31.98 0.89 16.10
CA THR D 101 -31.21 1.70 17.05
C THR D 101 -30.85 3.04 16.44
N ILE D 102 -30.37 3.93 17.30
CA ILE D 102 -29.69 5.13 16.88
C ILE D 102 -28.27 4.74 16.49
N PHE D 103 -27.88 4.99 15.23
CA PHE D 103 -26.66 4.34 14.74
C PHE D 103 -25.40 4.95 15.38
N PRO D 104 -24.41 4.12 15.69
CA PRO D 104 -23.16 4.65 16.24
C PRO D 104 -22.39 5.48 15.22
N ALA D 105 -21.47 6.27 15.74
CA ALA D 105 -20.42 6.81 14.89
C ALA D 105 -19.54 5.66 14.40
N ARG D 106 -18.82 5.89 13.30
CA ARG D 106 -18.19 4.78 12.59
C ARG D 106 -16.96 5.29 11.85
N SER D 107 -15.90 4.47 11.81
CA SER D 107 -14.82 4.67 10.85
C SER D 107 -14.57 3.34 10.15
N THR D 108 -14.17 3.41 8.88
CA THR D 108 -13.95 2.19 8.09
C THR D 108 -12.63 2.37 7.36
N VAL D 109 -11.77 1.37 7.43
CA VAL D 109 -10.53 1.37 6.64
C VAL D 109 -10.26 -0.01 6.09
N GLU D 110 -9.57 -0.08 4.95
CA GLU D 110 -9.09 -1.36 4.42
C GLU D 110 -7.66 -1.59 4.88
N VAL D 111 -7.42 -2.75 5.48
CA VAL D 111 -6.09 -3.11 5.94
C VAL D 111 -5.63 -4.30 5.09
N SER D 112 -4.33 -4.59 5.12
CA SER D 112 -3.89 -5.67 4.23
C SER D 112 -4.06 -7.07 4.81
N ALA D 113 -4.21 -7.18 6.13
CA ALA D 113 -4.40 -8.48 6.76
C ALA D 113 -4.94 -8.26 8.16
N LEU D 114 -5.58 -9.31 8.67
CA LEU D 114 -6.19 -9.37 9.99
C LEU D 114 -5.84 -10.67 10.68
N PRO D 115 -5.98 -10.73 12.00
CA PRO D 115 -5.68 -11.97 12.71
C PRO D 115 -6.42 -13.16 12.10
N LYS D 116 -5.72 -14.30 12.04
CA LYS D 116 -6.25 -15.58 11.58
C LYS D 116 -6.71 -15.55 10.14
N GLY D 117 -6.32 -14.54 9.36
CA GLY D 117 -6.79 -14.49 7.99
C GLY D 117 -8.22 -13.99 7.85
N ALA D 118 -8.74 -13.32 8.87
CA ALA D 118 -10.12 -12.79 8.83
C ALA D 118 -10.29 -11.78 7.71
N LEU D 119 -11.51 -11.70 7.17
CA LEU D 119 -11.86 -10.69 6.19
C LEU D 119 -12.33 -9.40 6.84
N VAL D 120 -12.70 -9.43 8.12
CA VAL D 120 -13.31 -8.29 8.79
C VAL D 120 -13.05 -8.42 10.28
N GLU D 121 -12.80 -7.26 10.93
CA GLU D 121 -12.64 -7.16 12.37
C GLU D 121 -13.38 -5.89 12.78
N ILE D 122 -14.23 -5.95 13.82
CA ILE D 122 -14.96 -4.76 14.24
C ILE D 122 -14.76 -4.54 15.73
N GLU D 123 -14.42 -3.29 16.09
N GLU D 123 -14.28 -3.35 16.09
CA GLU D 123 -14.16 -2.90 17.46
CA GLU D 123 -14.20 -2.96 17.50
C GLU D 123 -15.19 -1.85 17.86
C GLU D 123 -15.36 -2.00 17.79
N VAL D 124 -15.82 -2.01 19.04
CA VAL D 124 -16.91 -1.12 19.46
C VAL D 124 -16.62 -0.57 20.84
N ILE D 125 -17.17 0.60 21.12
N ILE D 125 -17.22 0.59 21.11
CA ILE D 125 -17.24 1.10 22.49
CA ILE D 125 -17.27 1.24 22.41
C ILE D 125 -18.70 1.37 22.78
C ILE D 125 -18.73 1.40 22.77
N ALA D 126 -19.11 1.09 24.01
CA ALA D 126 -20.51 1.23 24.40
C ALA D 126 -20.63 1.92 25.74
N GLY D 127 -21.56 2.88 25.75
N GLY D 127 -21.81 2.49 26.00
CA GLY D 127 -21.77 3.77 26.88
CA GLY D 127 -22.17 2.75 27.38
C GLY D 127 -22.88 3.23 27.74
C GLY D 127 -22.48 1.47 28.13
N VAL D 128 -22.47 2.77 28.93
N VAL D 128 -22.29 1.50 29.45
CA VAL D 128 -23.23 2.00 29.93
CA VAL D 128 -22.68 0.34 30.25
C VAL D 128 -23.01 0.52 29.69
C VAL D 128 -24.15 0.42 30.65
N ASN E 2 -12.87 22.67 31.14
CA ASN E 2 -11.45 22.49 31.54
C ASN E 2 -10.53 22.36 30.36
N ALA E 3 -9.36 22.98 30.46
CA ALA E 3 -8.33 22.72 29.46
C ALA E 3 -7.89 21.25 29.52
N LYS E 4 -7.58 20.68 28.36
CA LYS E 4 -6.96 19.36 28.42
C LYS E 4 -5.56 19.46 29.04
N SER E 5 -5.10 18.34 29.59
N SER E 5 -5.10 18.34 29.59
CA SER E 5 -3.81 18.29 30.27
CA SER E 5 -3.81 18.27 30.26
C SER E 5 -2.79 17.58 29.37
C SER E 5 -2.80 17.59 29.34
N VAL E 6 -1.66 18.23 29.14
CA VAL E 6 -0.60 17.70 28.27
C VAL E 6 0.35 16.85 29.07
N ILE E 7 0.79 15.74 28.49
CA ILE E 7 1.86 14.93 29.05
C ILE E 7 3.11 15.10 28.19
N GLU E 8 4.21 15.41 28.83
CA GLU E 8 5.48 15.57 28.11
C GLU E 8 6.62 15.05 28.96
N THR E 9 7.41 14.14 28.39
CA THR E 9 8.55 13.59 29.11
C THR E 9 9.69 13.34 28.13
N LYS E 10 10.90 13.66 28.56
CA LYS E 10 12.07 13.35 27.74
C LYS E 10 12.38 11.87 27.71
N ASN E 11 11.69 11.08 28.52
CA ASN E 11 11.94 9.66 28.53
C ASN E 11 11.10 8.91 27.53
N ALA E 12 10.27 9.61 26.75
CA ALA E 12 9.60 9.05 25.60
C ALA E 12 10.02 9.87 24.41
N PRO E 13 9.91 9.34 23.19
CA PRO E 13 10.41 10.10 22.01
C PRO E 13 9.75 11.47 21.89
N SER E 14 10.55 12.46 21.52
CA SER E 14 10.01 13.78 21.24
C SER E 14 9.03 13.72 20.08
N ALA E 15 7.99 14.53 20.15
CA ALA E 15 7.00 14.51 19.07
C ALA E 15 7.63 14.95 17.75
N ILE E 16 7.57 14.08 16.73
CA ILE E 16 8.12 14.26 15.38
C ILE E 16 7.06 14.91 14.46
N GLY E 17 5.96 15.38 15.03
CA GLY E 17 4.90 15.98 14.25
C GLY E 17 4.08 16.84 15.16
N PRO E 18 2.98 17.41 14.67
CA PRO E 18 2.14 18.30 15.51
C PRO E 18 1.16 17.53 16.40
N TYR E 19 1.70 16.92 17.45
CA TYR E 19 0.90 16.18 18.39
C TYR E 19 1.56 16.26 19.77
N SER E 20 0.80 15.89 20.80
CA SER E 20 1.35 15.71 22.13
C SER E 20 1.58 14.23 22.41
N GLN E 21 2.60 13.92 23.22
CA GLN E 21 2.81 12.52 23.61
C GLN E 21 1.55 11.90 24.20
N ALA E 22 0.84 12.61 25.06
CA ALA E 22 -0.46 12.15 25.52
C ALA E 22 -1.27 13.35 25.99
N ILE E 23 -2.58 13.19 26.03
CA ILE E 23 -3.49 14.17 26.61
C ILE E 23 -4.31 13.46 27.68
N CYS E 24 -4.49 14.10 28.85
CA CYS E 24 -5.43 13.58 29.82
C CYS E 24 -6.69 14.44 29.81
N PHE E 25 -7.85 13.80 29.84
CA PHE E 25 -9.11 14.54 29.83
C PHE E 25 -10.19 13.70 30.52
N ASN E 26 -10.88 14.30 31.49
CA ASN E 26 -11.97 13.62 32.19
C ASN E 26 -11.57 12.23 32.65
N GLY E 27 -10.39 12.15 33.25
CA GLY E 27 -9.93 10.93 33.88
C GLY E 27 -9.38 9.88 32.95
N ILE E 28 -9.25 10.18 31.67
CA ILE E 28 -8.71 9.25 30.69
C ILE E 28 -7.42 9.83 30.11
N LEU E 29 -6.38 8.99 30.04
CA LEU E 29 -5.15 9.32 29.32
C LEU E 29 -5.23 8.76 27.89
N TYR E 30 -5.16 9.65 26.90
CA TYR E 30 -5.14 9.28 25.48
C TYR E 30 -3.70 9.39 25.04
N ALA E 31 -3.03 8.26 24.86
CA ALA E 31 -1.64 8.30 24.41
C ALA E 31 -1.56 8.31 22.89
N SER E 32 -0.65 9.12 22.35
CA SER E 32 -0.29 8.97 20.95
C SER E 32 0.27 7.58 20.72
N GLY E 33 0.08 7.03 19.52
CA GLY E 33 0.74 5.77 19.19
C GLY E 33 2.24 5.92 19.35
N GLN E 34 2.87 4.90 19.93
CA GLN E 34 4.32 4.88 20.15
C GLN E 34 4.99 3.99 19.11
N ILE E 35 6.06 4.52 18.54
CA ILE E 35 6.89 3.76 17.59
C ILE E 35 8.24 3.47 18.25
N PRO E 36 8.99 2.56 17.74
CA PRO E 36 10.22 2.10 18.40
C PRO E 36 11.43 3.02 18.27
N ILE E 37 11.25 4.28 18.62
CA ILE E 37 12.33 5.24 18.69
C ILE E 37 12.98 5.16 20.07
N ASN E 38 14.32 5.07 20.08
CA ASN E 38 15.07 5.27 21.33
C ASN E 38 15.03 6.75 21.71
N PRO E 39 14.38 7.14 22.81
CA PRO E 39 14.25 8.56 23.13
C PRO E 39 15.57 9.20 23.44
N ASP E 40 16.58 8.41 23.83
CA ASP E 40 17.86 8.98 24.21
C ASP E 40 18.68 9.43 23.00
N THR E 41 18.46 8.81 21.84
CA THR E 41 19.17 9.16 20.62
C THR E 41 18.27 9.75 19.54
N GLY E 42 16.95 9.49 19.58
CA GLY E 42 16.09 9.86 18.48
C GLY E 42 16.04 8.88 17.32
N ASP E 43 16.81 7.80 17.37
CA ASP E 43 16.85 6.86 16.27
C ASP E 43 15.85 5.70 16.43
N LEU E 44 15.31 5.22 15.31
CA LEU E 44 14.62 3.95 15.30
C LEU E 44 15.57 2.81 15.61
N VAL E 45 15.11 1.86 16.42
CA VAL E 45 15.95 0.76 16.80
C VAL E 45 16.02 -0.20 15.61
N GLU E 46 16.81 -1.24 15.75
CA GLU E 46 17.07 -2.19 14.68
C GLU E 46 15.77 -2.78 14.13
N ASN E 47 15.80 -3.13 12.83
CA ASN E 47 14.68 -3.77 12.13
C ASN E 47 14.49 -5.22 12.62
N ASP E 48 14.02 -5.38 13.85
CA ASP E 48 13.86 -6.64 14.56
C ASP E 48 12.59 -6.51 15.38
N ILE E 49 11.56 -7.35 15.11
CA ILE E 49 10.26 -7.14 15.73
C ILE E 49 10.36 -7.21 17.25
N GLU E 50 11.23 -8.08 17.79
CA GLU E 50 11.28 -8.21 19.25
C GLU E 50 11.88 -6.95 19.89
N LYS E 51 12.99 -6.46 19.35
CA LYS E 51 13.61 -5.25 19.88
C LYS E 51 12.67 -4.06 19.75
N GLN E 52 11.98 -3.95 18.62
CA GLN E 52 11.05 -2.83 18.44
C GLN E 52 9.86 -2.92 19.39
N THR E 53 9.35 -4.10 19.64
CA THR E 53 8.26 -4.25 20.60
C THR E 53 8.72 -3.81 21.99
N ARG E 54 9.93 -4.24 22.41
CA ARG E 54 10.41 -3.81 23.71
C ARG E 54 10.52 -2.29 23.78
N GLN E 55 11.03 -1.67 22.73
CA GLN E 55 11.18 -0.22 22.75
C GLN E 55 9.82 0.47 22.87
N VAL E 56 8.82 -0.02 22.10
CA VAL E 56 7.49 0.60 22.13
C VAL E 56 6.89 0.52 23.53
N LEU E 57 7.03 -0.64 24.17
CA LEU E 57 6.44 -0.81 25.49
C LEU E 57 7.14 0.06 26.52
N LYS E 58 8.47 0.17 26.45
CA LYS E 58 9.15 1.07 27.37
C LYS E 58 8.77 2.53 27.14
N ASN E 59 8.58 2.94 25.86
CA ASN E 59 8.16 4.29 25.58
C ASN E 59 6.76 4.58 26.15
N ILE E 60 5.83 3.63 25.99
CA ILE E 60 4.51 3.75 26.62
C ILE E 60 4.67 3.90 28.13
N ASP E 61 5.52 3.06 28.72
CA ASP E 61 5.67 3.09 30.19
C ASP E 61 6.11 4.46 30.63
N ALA E 62 7.00 5.09 29.87
CA ALA E 62 7.50 6.41 30.26
C ALA E 62 6.38 7.45 30.23
N VAL E 63 5.51 7.37 29.21
CA VAL E 63 4.38 8.28 29.13
C VAL E 63 3.45 8.09 30.34
N LEU E 64 3.15 6.83 30.71
CA LEU E 64 2.25 6.55 31.84
C LEU E 64 2.83 7.10 33.13
N LEU E 65 4.13 6.86 33.36
CA LEU E 65 4.77 7.32 34.58
C LEU E 65 4.75 8.84 34.68
N GLN E 66 4.97 9.53 33.56
CA GLN E 66 4.95 10.99 33.61
C GLN E 66 3.56 11.49 33.99
N ALA E 67 2.53 10.80 33.52
CA ALA E 67 1.16 11.14 33.84
C ALA E 67 0.75 10.71 35.25
N GLY E 68 1.61 10.03 35.99
CA GLY E 68 1.26 9.54 37.32
C GLY E 68 0.36 8.33 37.35
N THR E 69 0.36 7.54 36.27
CA THR E 69 -0.41 6.31 36.28
C THR E 69 0.51 5.15 35.93
N THR E 70 -0.05 3.97 35.67
CA THR E 70 0.77 2.79 35.44
C THR E 70 0.05 1.89 34.45
N LYS E 71 0.78 0.86 34.00
CA LYS E 71 0.25 -0.04 32.97
C LYS E 71 -0.97 -0.82 33.48
N ASP E 72 -1.10 -1.00 34.79
N ASP E 72 -1.11 -1.02 34.78
CA ASP E 72 -2.25 -1.69 35.34
CA ASP E 72 -2.28 -1.73 35.30
C ASP E 72 -3.54 -0.97 35.03
C ASP E 72 -3.55 -0.98 34.99
N LYS E 73 -3.46 0.33 34.70
CA LYS E 73 -4.65 1.14 34.39
C LYS E 73 -4.96 1.22 32.91
N ILE E 74 -4.20 0.57 32.03
CA ILE E 74 -4.54 0.62 30.60
C ILE E 74 -5.82 -0.16 30.37
N VAL E 75 -6.75 0.43 29.62
CA VAL E 75 -8.05 -0.21 29.38
C VAL E 75 -8.14 -0.81 27.98
N LYS E 76 -7.47 -0.21 26.99
CA LYS E 76 -7.61 -0.62 25.61
C LYS E 76 -6.34 -0.24 24.86
N THR E 77 -5.86 -1.13 23.99
CA THR E 77 -4.73 -0.83 23.11
C THR E 77 -5.09 -1.18 21.69
N THR E 78 -4.34 -0.60 20.76
CA THR E 78 -4.39 -1.02 19.38
C THR E 78 -2.98 -1.28 18.92
N ILE E 79 -2.78 -2.46 18.33
CA ILE E 79 -1.49 -2.85 17.76
C ILE E 79 -1.59 -2.72 16.25
N PHE E 80 -0.78 -1.82 15.70
CA PHE E 80 -0.60 -1.69 14.25
C PHE E 80 0.70 -2.36 13.87
N ILE E 81 0.65 -3.36 13.00
CA ILE E 81 1.84 -4.14 12.66
C ILE E 81 1.98 -4.17 11.15
N THR E 82 3.24 -4.10 10.64
CA THR E 82 3.35 -4.15 9.17
C THR E 82 3.31 -5.57 8.62
N ASN E 83 3.38 -6.60 9.46
CA ASN E 83 3.34 -7.99 9.00
C ASN E 83 2.58 -8.77 10.05
N ILE E 84 1.39 -9.24 9.71
CA ILE E 84 0.54 -9.97 10.66
C ILE E 84 1.26 -11.20 11.20
N ASN E 85 2.20 -11.75 10.45
CA ASN E 85 2.92 -12.93 10.94
C ASN E 85 3.88 -12.60 12.06
N ASN E 86 4.09 -11.31 12.34
CA ASN E 86 4.84 -10.92 13.52
C ASN E 86 3.99 -10.90 14.79
N SER E 87 2.70 -11.26 14.70
CA SER E 87 1.82 -11.09 15.86
C SER E 87 2.29 -11.90 17.06
N SER E 88 2.70 -13.16 16.84
CA SER E 88 3.09 -13.98 18.00
C SER E 88 4.29 -13.42 18.72
N GLN E 89 5.27 -12.94 17.96
CA GLN E 89 6.45 -12.41 18.64
C GLN E 89 6.15 -11.12 19.41
N VAL E 90 5.26 -10.28 18.87
CA VAL E 90 4.79 -9.11 19.63
C VAL E 90 4.07 -9.55 20.88
N ASN E 91 3.14 -10.49 20.72
CA ASN E 91 2.32 -10.93 21.85
C ASN E 91 3.18 -11.52 22.95
N ASP E 92 4.25 -12.24 22.57
CA ASP E 92 5.06 -12.93 23.58
C ASP E 92 5.71 -11.92 24.53
N ILE E 93 6.06 -10.74 24.02
CA ILE E 93 6.71 -9.69 24.82
C ILE E 93 5.69 -8.76 25.47
N TYR E 94 4.64 -8.43 24.72
CA TYR E 94 3.53 -7.67 25.28
C TYR E 94 2.96 -8.36 26.51
N ALA E 95 2.83 -9.68 26.45
CA ALA E 95 2.35 -10.43 27.61
C ALA E 95 3.26 -10.24 28.82
N ASP E 96 4.57 -10.23 28.59
CA ASP E 96 5.53 -10.03 29.67
C ASP E 96 5.30 -8.69 30.36
N TYR E 97 5.03 -7.65 29.56
CA TYR E 97 4.85 -6.30 30.10
C TYR E 97 3.59 -6.23 30.97
N PHE E 98 2.53 -6.92 30.54
CA PHE E 98 1.24 -6.84 31.23
C PHE E 98 1.04 -7.94 32.26
N LYS E 99 1.98 -8.88 32.42
CA LYS E 99 1.81 -9.95 33.40
C LYS E 99 1.39 -9.41 34.75
N GLY E 100 0.41 -10.07 35.37
CA GLY E 100 -0.01 -9.65 36.69
C GLY E 100 -1.01 -8.52 36.71
N THR E 101 -1.41 -8.01 35.55
CA THR E 101 -2.49 -7.04 35.44
C THR E 101 -3.70 -7.68 34.75
N ILE E 102 -4.84 -6.99 34.86
CA ILE E 102 -6.01 -7.36 34.07
C ILE E 102 -5.74 -6.93 32.63
N PHE E 103 -5.61 -7.89 31.73
CA PHE E 103 -5.13 -7.56 30.38
C PHE E 103 -6.07 -6.55 29.72
N PRO E 104 -5.54 -5.53 29.06
CA PRO E 104 -6.42 -4.59 28.34
C PRO E 104 -7.20 -5.27 27.24
N ALA E 105 -8.31 -4.61 26.88
CA ALA E 105 -8.94 -4.88 25.59
C ALA E 105 -7.96 -4.52 24.47
N ARG E 106 -8.17 -5.11 23.29
CA ARG E 106 -7.14 -4.93 22.27
C ARG E 106 -7.72 -5.10 20.89
N SER E 107 -7.11 -4.44 19.89
CA SER E 107 -7.33 -4.76 18.48
C SER E 107 -5.97 -4.83 17.81
N THR E 108 -5.82 -5.73 16.83
CA THR E 108 -4.58 -5.88 16.06
C THR E 108 -4.90 -5.89 14.58
N VAL E 109 -4.18 -5.06 13.80
CA VAL E 109 -4.40 -5.02 12.34
C VAL E 109 -3.07 -4.89 11.63
N GLU E 110 -3.00 -5.37 10.38
CA GLU E 110 -1.82 -5.20 9.55
C GLU E 110 -1.94 -3.90 8.73
N VAL E 111 -1.08 -2.95 8.99
CA VAL E 111 -1.01 -1.72 8.23
C VAL E 111 0.04 -1.85 7.12
N SER E 112 -0.06 -0.97 6.14
N SER E 112 -0.02 -0.95 6.15
CA SER E 112 0.90 -1.00 5.06
CA SER E 112 0.90 -1.01 5.02
C SER E 112 2.23 -0.40 5.46
C SER E 112 2.18 -0.20 5.22
N ALA E 113 2.21 0.71 6.19
CA ALA E 113 3.45 1.38 6.56
C ALA E 113 3.22 2.17 7.83
N LEU E 114 4.31 2.47 8.52
CA LEU E 114 4.27 3.23 9.77
C LEU E 114 5.32 4.33 9.68
N PRO E 115 5.19 5.38 10.50
CA PRO E 115 6.24 6.39 10.59
C PRO E 115 7.62 5.77 10.78
N LYS E 116 8.60 6.37 10.10
CA LYS E 116 10.02 5.99 10.16
C LYS E 116 10.29 4.55 9.73
N GLY E 117 9.33 3.90 9.06
CA GLY E 117 9.55 2.53 8.67
C GLY E 117 9.49 1.53 9.81
N ALA E 118 8.81 1.89 10.90
CA ALA E 118 8.65 0.99 12.04
C ALA E 118 7.89 -0.28 11.65
N LEU E 119 8.17 -1.38 12.40
CA LEU E 119 7.45 -2.63 12.20
C LEU E 119 6.16 -2.69 13.04
N VAL E 120 6.10 -1.90 14.11
CA VAL E 120 4.99 -1.99 15.07
C VAL E 120 4.80 -0.61 15.70
N GLU E 121 3.54 -0.31 16.01
CA GLU E 121 3.17 0.93 16.70
C GLU E 121 2.02 0.54 17.63
N ILE E 122 2.04 1.00 18.88
CA ILE E 122 1.01 0.61 19.82
C ILE E 122 0.43 1.87 20.44
N GLU E 123 -0.88 2.02 20.38
CA GLU E 123 -1.63 3.15 20.95
C GLU E 123 -2.41 2.62 22.14
N VAL E 124 -2.39 3.38 23.24
CA VAL E 124 -3.10 2.93 24.44
C VAL E 124 -3.99 4.05 25.00
N ILE E 125 -5.02 3.63 25.74
CA ILE E 125 -5.86 4.47 26.57
C ILE E 125 -5.76 3.94 27.99
N ALA E 126 -5.62 4.85 28.97
CA ALA E 126 -5.54 4.40 30.36
C ALA E 126 -6.41 5.30 31.24
N GLY E 127 -6.83 4.73 32.39
CA GLY E 127 -7.30 5.58 33.48
C GLY E 127 -6.14 6.33 34.13
N VAL E 128 -6.42 7.51 34.66
CA VAL E 128 -5.34 8.32 35.22
C VAL E 128 -5.03 7.87 36.65
N ALA F 3 -27.30 9.04 28.46
CA ALA F 3 -27.92 8.57 27.22
C ALA F 3 -27.20 9.19 26.02
N LYS F 4 -26.92 8.40 24.97
CA LYS F 4 -26.14 8.94 23.85
C LYS F 4 -27.01 9.86 22.98
N SER F 5 -26.38 10.86 22.35
CA SER F 5 -27.09 11.79 21.49
C SER F 5 -26.42 11.88 20.11
N VAL F 6 -27.22 12.13 19.10
N VAL F 6 -27.23 12.13 19.08
CA VAL F 6 -26.74 12.19 17.72
CA VAL F 6 -26.72 12.13 17.69
C VAL F 6 -26.34 13.61 17.36
C VAL F 6 -26.44 13.56 17.23
N ILE F 7 -25.32 13.74 16.52
CA ILE F 7 -24.99 15.00 15.87
C ILE F 7 -25.35 14.89 14.40
N GLU F 8 -26.10 15.85 13.89
N GLU F 8 -26.10 15.86 13.90
CA GLU F 8 -26.46 15.84 12.49
CA GLU F 8 -26.52 15.88 12.50
C GLU F 8 -26.39 17.27 11.95
C GLU F 8 -26.39 17.30 11.98
N THR F 9 -25.52 17.50 10.98
CA THR F 9 -25.40 18.79 10.33
C THR F 9 -25.37 18.66 8.81
N LYS F 10 -26.03 19.63 8.13
CA LYS F 10 -25.98 19.65 6.68
C LYS F 10 -24.64 20.13 6.15
N ASN F 11 -23.74 20.61 7.00
CA ASN F 11 -22.43 21.08 6.56
C ASN F 11 -21.35 20.05 6.72
N ALA F 12 -21.71 18.81 7.04
CA ALA F 12 -20.80 17.68 6.93
C ALA F 12 -21.47 16.65 6.03
N PRO F 13 -20.70 15.72 5.44
CA PRO F 13 -21.32 14.76 4.50
C PRO F 13 -22.46 13.99 5.16
N SER F 14 -23.54 13.80 4.39
CA SER F 14 -24.74 13.18 4.95
C SER F 14 -24.45 11.74 5.37
N ALA F 15 -24.97 11.34 6.53
CA ALA F 15 -24.78 9.96 6.97
C ALA F 15 -25.91 9.13 6.38
N ILE F 16 -25.57 8.35 5.37
CA ILE F 16 -26.53 7.48 4.69
C ILE F 16 -26.30 6.05 5.17
N GLY F 17 -27.38 5.39 5.60
CA GLY F 17 -27.27 4.04 6.09
C GLY F 17 -26.95 4.00 7.57
N PRO F 18 -26.33 2.91 8.03
CA PRO F 18 -26.25 2.65 9.47
C PRO F 18 -25.12 3.34 10.21
N TYR F 19 -25.04 4.67 10.08
CA TYR F 19 -24.12 5.37 10.97
C TYR F 19 -24.59 6.82 11.16
N SER F 20 -23.97 7.46 12.14
CA SER F 20 -24.22 8.84 12.49
C SER F 20 -22.94 9.62 12.32
N GLN F 21 -23.05 10.90 11.99
CA GLN F 21 -21.89 11.77 11.83
C GLN F 21 -21.02 11.79 13.08
N ALA F 22 -21.66 11.85 14.25
CA ALA F 22 -20.98 11.77 15.53
C ALA F 22 -22.00 11.40 16.58
N ILE F 23 -21.49 10.85 17.70
CA ILE F 23 -22.32 10.53 18.86
C ILE F 23 -21.69 11.20 20.08
N CYS F 24 -22.51 11.87 20.89
CA CYS F 24 -22.07 12.39 22.17
C CYS F 24 -22.53 11.48 23.29
N PHE F 25 -21.61 11.23 24.22
CA PHE F 25 -21.95 10.42 25.39
C PHE F 25 -21.05 10.82 26.56
N ASN F 26 -21.68 11.12 27.69
CA ASN F 26 -20.99 11.48 28.93
C ASN F 26 -19.93 12.55 28.70
N GLY F 27 -20.26 13.55 27.92
CA GLY F 27 -19.34 14.67 27.76
C GLY F 27 -18.24 14.46 26.75
N ILE F 28 -18.26 13.37 26.00
CA ILE F 28 -17.28 13.11 24.95
C ILE F 28 -17.99 13.01 23.60
N LEU F 29 -17.42 13.68 22.58
CA LEU F 29 -17.89 13.61 21.22
C LEU F 29 -17.05 12.59 20.50
N TYR F 30 -17.70 11.52 20.02
CA TYR F 30 -17.05 10.50 19.19
C TYR F 30 -17.46 10.76 17.74
N ALA F 31 -16.55 11.32 16.95
CA ALA F 31 -16.85 11.64 15.57
C ALA F 31 -16.55 10.44 14.68
N SER F 32 -17.42 10.21 13.71
CA SER F 32 -17.05 9.30 12.62
C SER F 32 -15.81 9.81 11.89
N GLY F 33 -15.02 8.86 11.36
CA GLY F 33 -13.91 9.25 10.53
C GLY F 33 -14.40 10.04 9.33
N GLN F 34 -13.82 11.21 9.07
CA GLN F 34 -14.23 12.05 7.96
C GLN F 34 -13.36 11.79 6.74
N ILE F 35 -14.01 11.62 5.60
CA ILE F 35 -13.29 11.60 4.33
C ILE F 35 -13.58 12.87 3.55
N PRO F 36 -12.81 13.16 2.50
CA PRO F 36 -12.92 14.46 1.80
C PRO F 36 -14.07 14.55 0.81
N ILE F 37 -15.27 14.22 1.26
CA ILE F 37 -16.49 14.55 0.53
C ILE F 37 -16.82 16.01 0.76
N ASN F 38 -17.09 16.74 -0.35
CA ASN F 38 -17.58 18.10 -0.20
C ASN F 38 -19.07 18.05 0.00
N PRO F 39 -19.59 18.43 1.18
CA PRO F 39 -21.04 18.28 1.40
C PRO F 39 -21.87 19.14 0.46
N ASP F 40 -21.31 20.21 -0.10
CA ASP F 40 -22.12 21.06 -0.99
C ASP F 40 -22.43 20.35 -2.30
N THR F 41 -21.56 19.44 -2.75
CA THR F 41 -21.77 18.71 -4.01
C THR F 41 -22.03 17.23 -3.81
N GLY F 42 -21.63 16.65 -2.68
CA GLY F 42 -21.66 15.23 -2.47
C GLY F 42 -20.53 14.49 -3.14
N ASP F 43 -19.63 15.20 -3.81
CA ASP F 43 -18.55 14.58 -4.56
C ASP F 43 -17.28 14.54 -3.72
N LEU F 44 -16.47 13.51 -3.92
CA LEU F 44 -15.13 13.48 -3.34
C LEU F 44 -14.22 14.52 -4.02
N VAL F 45 -13.42 15.21 -3.21
CA VAL F 45 -12.40 16.10 -3.73
C VAL F 45 -11.40 15.32 -4.58
N GLU F 46 -10.83 15.99 -5.59
CA GLU F 46 -9.80 15.39 -6.46
C GLU F 46 -8.61 14.88 -5.66
N ASN F 47 -7.75 14.05 -6.30
CA ASN F 47 -6.61 13.44 -5.58
C ASN F 47 -5.45 14.38 -5.28
N ASP F 48 -5.71 15.42 -4.53
CA ASP F 48 -4.72 16.41 -4.12
C ASP F 48 -4.73 16.31 -2.60
N ILE F 49 -3.62 15.84 -2.00
CA ILE F 49 -3.65 15.59 -0.57
C ILE F 49 -3.97 16.87 0.21
N GLU F 50 -3.48 18.02 -0.25
CA GLU F 50 -3.74 19.26 0.49
C GLU F 50 -5.22 19.62 0.43
N LYS F 51 -5.80 19.60 -0.76
CA LYS F 51 -7.23 19.88 -0.88
C LYS F 51 -8.07 18.88 -0.08
N GLN F 52 -7.70 17.61 -0.13
CA GLN F 52 -8.46 16.61 0.60
C GLN F 52 -8.34 16.82 2.09
N THR F 53 -7.14 17.10 2.60
CA THR F 53 -6.98 17.29 4.04
C THR F 53 -7.79 18.51 4.52
N ARG F 54 -7.77 19.60 3.74
CA ARG F 54 -8.53 20.77 4.13
C ARG F 54 -10.02 20.46 4.15
N GLN F 55 -10.51 19.65 3.19
CA GLN F 55 -11.94 19.31 3.19
C GLN F 55 -12.30 18.46 4.40
N VAL F 56 -11.43 17.51 4.76
CA VAL F 56 -11.69 16.69 5.94
C VAL F 56 -11.79 17.55 7.18
N LEU F 57 -10.84 18.49 7.33
CA LEU F 57 -10.86 19.37 8.51
C LEU F 57 -12.07 20.30 8.51
N LYS F 58 -12.50 20.80 7.35
CA LYS F 58 -13.73 21.57 7.27
C LYS F 58 -14.94 20.73 7.71
N ASN F 59 -14.99 19.46 7.31
CA ASN F 59 -16.09 18.60 7.73
C ASN F 59 -16.05 18.40 9.24
N ILE F 60 -14.86 18.18 9.78
CA ILE F 60 -14.74 18.05 11.24
C ILE F 60 -15.22 19.32 11.94
N ASP F 61 -14.80 20.49 11.45
N ASP F 61 -14.86 20.50 11.43
CA ASP F 61 -15.27 21.74 12.03
CA ASP F 61 -15.30 21.71 12.13
C ASP F 61 -16.80 21.78 12.10
C ASP F 61 -16.82 21.89 12.06
N ALA F 62 -17.46 21.37 11.01
CA ALA F 62 -18.93 21.44 10.97
C ALA F 62 -19.55 20.54 12.03
N VAL F 63 -18.95 19.36 12.25
CA VAL F 63 -19.43 18.42 13.26
C VAL F 63 -19.25 19.01 14.65
N LEU F 64 -18.06 19.55 14.93
CA LEU F 64 -17.79 20.18 16.22
C LEU F 64 -18.75 21.33 16.48
N LEU F 65 -18.99 22.17 15.47
CA LEU F 65 -19.88 23.31 15.65
C LEU F 65 -21.29 22.86 15.99
N GLN F 66 -21.81 21.84 15.29
CA GLN F 66 -23.14 21.34 15.56
C GLN F 66 -23.25 20.75 16.94
N ALA F 67 -22.15 20.18 17.45
CA ALA F 67 -22.15 19.63 18.79
C ALA F 67 -21.94 20.70 19.85
N GLY F 68 -21.70 21.96 19.45
CA GLY F 68 -21.47 23.00 20.42
C GLY F 68 -20.09 22.99 21.03
N THR F 69 -19.09 22.44 20.32
CA THR F 69 -17.73 22.42 20.86
C THR F 69 -16.75 22.98 19.81
N THR F 70 -15.45 22.91 20.12
CA THR F 70 -14.44 23.59 19.32
C THR F 70 -13.22 22.68 19.17
N LYS F 71 -12.43 22.95 18.12
CA LYS F 71 -11.25 22.12 17.89
C LYS F 71 -10.28 22.18 19.07
N ASP F 72 -10.32 23.24 19.92
N ASP F 72 -10.35 23.25 19.88
CA ASP F 72 -9.43 23.23 21.07
CA ASP F 72 -9.57 23.37 21.09
C ASP F 72 -9.80 22.17 22.09
C ASP F 72 -9.82 22.22 22.07
N LYS F 73 -10.98 21.57 21.99
CA LYS F 73 -11.36 20.49 22.89
C LYS F 73 -11.08 19.10 22.33
N ILE F 74 -10.49 19.00 21.12
CA ILE F 74 -10.07 17.69 20.59
C ILE F 74 -8.92 17.15 21.45
N VAL F 75 -9.09 15.91 21.91
CA VAL F 75 -8.11 15.28 22.78
C VAL F 75 -7.24 14.28 22.03
N LYS F 76 -7.77 13.66 20.96
CA LYS F 76 -7.08 12.58 20.25
C LYS F 76 -7.63 12.51 18.83
N THR F 77 -6.74 12.29 17.86
CA THR F 77 -7.13 12.06 16.47
C THR F 77 -6.38 10.84 15.98
N THR F 78 -6.95 10.22 14.96
CA THR F 78 -6.25 9.18 14.20
C THR F 78 -6.30 9.57 12.73
N ILE F 79 -5.14 9.59 12.10
CA ILE F 79 -5.00 9.90 10.68
C ILE F 79 -4.71 8.59 9.97
N PHE F 80 -5.63 8.19 9.10
CA PHE F 80 -5.42 7.06 8.21
C PHE F 80 -5.08 7.63 6.85
N ILE F 81 -3.92 7.28 6.30
CA ILE F 81 -3.59 7.78 4.95
C ILE F 81 -3.22 6.63 4.04
N THR F 82 -3.46 6.84 2.75
CA THR F 82 -3.05 5.78 1.80
C THR F 82 -1.56 5.84 1.45
N ASN F 83 -0.87 6.94 1.77
CA ASN F 83 0.53 7.06 1.37
C ASN F 83 1.29 7.80 2.44
N ILE F 84 2.16 7.07 3.17
CA ILE F 84 2.90 7.66 4.28
C ILE F 84 3.75 8.84 3.81
N ASN F 85 4.08 8.89 2.49
CA ASN F 85 4.83 10.05 2.01
C ASN F 85 4.05 11.33 2.08
N ASN F 86 2.73 11.25 2.30
CA ASN F 86 1.87 12.43 2.44
C ASN F 86 1.83 12.95 3.87
N SER F 87 2.58 12.33 4.78
CA SER F 87 2.57 12.75 6.17
C SER F 87 2.97 14.21 6.34
N SER F 88 4.01 14.63 5.63
CA SER F 88 4.50 15.99 5.84
C SER F 88 3.45 17.02 5.44
N GLN F 89 2.83 16.84 4.27
CA GLN F 89 1.83 17.81 3.82
C GLN F 89 0.61 17.80 4.72
N VAL F 90 0.17 16.63 5.15
CA VAL F 90 -0.95 16.56 6.09
C VAL F 90 -0.59 17.28 7.39
N ASN F 91 0.59 16.97 7.93
CA ASN F 91 1.07 17.60 9.16
C ASN F 91 1.07 19.11 9.04
N ASP F 92 1.49 19.65 7.91
CA ASP F 92 1.58 21.12 7.89
C ASP F 92 0.20 21.77 7.98
N ILE F 93 -0.78 21.18 7.28
CA ILE F 93 -2.13 21.72 7.28
C ILE F 93 -2.79 21.48 8.61
N TYR F 94 -2.55 20.30 9.17
CA TYR F 94 -3.12 19.94 10.46
C TYR F 94 -2.56 20.85 11.56
N ALA F 95 -1.26 21.13 11.51
CA ALA F 95 -0.65 22.05 12.45
C ALA F 95 -1.28 23.45 12.38
N ASP F 96 -1.50 23.96 11.16
CA ASP F 96 -2.13 25.27 11.00
C ASP F 96 -3.56 25.26 11.57
N TYR F 97 -4.26 24.15 11.36
CA TYR F 97 -5.60 23.98 11.90
C TYR F 97 -5.62 24.12 13.42
N PHE F 98 -4.61 23.55 14.09
CA PHE F 98 -4.52 23.59 15.54
C PHE F 98 -3.65 24.73 16.07
N LYS F 99 -3.30 25.70 15.24
CA LYS F 99 -2.54 26.85 15.74
C LYS F 99 -3.24 27.49 16.94
N GLY F 100 -2.48 27.75 18.00
CA GLY F 100 -3.05 28.39 19.17
C GLY F 100 -3.76 27.48 20.14
N THR F 101 -3.73 26.17 19.91
CA THR F 101 -4.28 25.20 20.85
C THR F 101 -3.21 24.19 21.20
N ILE F 102 -3.43 23.49 22.32
CA ILE F 102 -2.59 22.34 22.68
C ILE F 102 -2.81 21.23 21.66
N PHE F 103 -1.74 20.73 21.04
CA PHE F 103 -1.94 19.67 20.02
C PHE F 103 -2.58 18.43 20.67
N PRO F 104 -3.60 17.83 20.04
CA PRO F 104 -4.12 16.53 20.53
C PRO F 104 -3.08 15.44 20.50
N ALA F 105 -3.37 14.37 21.22
CA ALA F 105 -2.65 13.11 20.98
C ALA F 105 -3.02 12.61 19.59
N ARG F 106 -2.19 11.73 19.02
CA ARG F 106 -2.40 11.36 17.64
C ARG F 106 -1.78 10.02 17.33
N SER F 107 -2.38 9.32 16.38
CA SER F 107 -1.68 8.23 15.68
C SER F 107 -1.86 8.41 14.19
N THR F 108 -0.82 8.10 13.42
CA THR F 108 -0.85 8.17 11.96
C THR F 108 -0.37 6.84 11.40
N VAL F 109 -1.16 6.20 10.54
CA VAL F 109 -0.76 4.94 9.92
C VAL F 109 -1.12 4.96 8.44
N GLU F 110 -0.35 4.23 7.64
CA GLU F 110 -0.71 4.00 6.24
C GLU F 110 -1.56 2.75 6.17
N VAL F 111 -2.78 2.88 5.65
CA VAL F 111 -3.68 1.73 5.44
C VAL F 111 -3.67 1.34 3.97
N SER F 112 -4.23 0.17 3.67
CA SER F 112 -4.25 -0.32 2.28
C SER F 112 -5.24 0.45 1.39
N ALA F 113 -6.39 0.88 1.93
CA ALA F 113 -7.30 1.71 1.13
C ALA F 113 -8.30 2.36 2.08
N LEU F 114 -9.05 3.32 1.54
CA LEU F 114 -10.05 4.09 2.27
C LEU F 114 -11.34 4.16 1.49
N PRO F 115 -12.44 4.46 2.16
CA PRO F 115 -13.73 4.60 1.46
C PRO F 115 -13.62 5.59 0.31
N LYS F 116 -14.27 5.24 -0.79
CA LYS F 116 -14.33 6.08 -2.00
C LYS F 116 -12.97 6.37 -2.60
N GLY F 117 -11.94 5.59 -2.28
CA GLY F 117 -10.63 5.86 -2.82
C GLY F 117 -9.93 7.06 -2.22
N ALA F 118 -10.42 7.61 -1.10
CA ALA F 118 -9.82 8.79 -0.48
C ALA F 118 -8.34 8.60 -0.15
N LEU F 119 -7.61 9.73 -0.09
CA LEU F 119 -6.21 9.71 0.32
C LEU F 119 -6.03 9.78 1.83
N VAL F 120 -7.04 10.26 2.56
CA VAL F 120 -6.91 10.57 3.98
C VAL F 120 -8.29 10.44 4.61
N GLU F 121 -8.31 9.92 5.85
CA GLU F 121 -9.52 9.84 6.67
C GLU F 121 -9.08 10.20 8.08
N ILE F 122 -9.76 11.16 8.74
CA ILE F 122 -9.32 11.56 10.07
C ILE F 122 -10.47 11.39 11.03
N GLU F 123 -10.20 10.70 12.13
CA GLU F 123 -11.19 10.47 13.18
C GLU F 123 -10.80 11.29 14.41
N VAL F 124 -11.76 11.99 15.03
CA VAL F 124 -11.43 12.77 16.22
C VAL F 124 -12.31 12.37 17.40
N ILE F 125 -11.77 12.61 18.59
CA ILE F 125 -12.47 12.52 19.88
C ILE F 125 -12.36 13.87 20.55
N ALA F 126 -13.47 14.43 21.01
CA ALA F 126 -13.42 15.78 21.58
C ALA F 126 -14.22 15.86 22.89
N GLY F 127 -13.81 16.78 23.76
CA GLY F 127 -14.70 17.17 24.86
C GLY F 127 -15.90 17.98 24.34
N VAL F 128 -17.06 17.73 24.93
CA VAL F 128 -18.24 18.59 24.69
C VAL F 128 -18.86 19.04 26.00
C ACY G . 18.53 -4.92 -9.86
O ACY G . 17.99 -3.95 -9.24
OXT ACY G . 18.19 -6.14 -9.78
CH3 ACY G . 19.66 -4.58 -10.80
CA CA H . 23.52 -19.72 -4.22
C1 GOL I . 25.94 -21.97 -3.58
O1 GOL I . 24.79 -21.63 -4.33
C2 GOL I . 26.22 -20.85 -2.58
O2 GOL I . 25.07 -20.06 -2.45
C3 GOL I . 27.44 -19.96 -2.90
O3 GOL I . 27.65 -19.74 -4.27
C ACY J . -0.77 -11.62 -14.04
O ACY J . -1.29 -10.66 -14.64
OXT ACY J . -0.92 -11.86 -12.81
CH3 ACY J . 0.09 -12.61 -14.80
CA CA K . -2.99 -3.22 -0.60
CA CA L . 0.88 -1.18 -38.94
C ACY M . 4.33 8.46 -16.39
O ACY M . 3.85 9.62 -16.23
OXT ACY M . 5.49 8.26 -16.82
CH3 ACY M . 3.45 7.30 -16.01
C1 GOL N . 19.03 -4.72 -0.65
O1 GOL N . 19.11 -3.71 -1.60
C2 GOL N . 18.64 -4.15 0.71
O2 GOL N . 17.99 -5.24 1.32
C3 GOL N . 17.76 -2.88 0.59
O3 GOL N . 17.56 -2.11 1.78
C ACY O . -16.75 5.28 7.27
O ACY O . -15.67 5.94 7.46
OXT ACY O . -17.31 4.53 8.13
CH3 ACY O . -17.39 5.41 5.90
C ACY P . -2.37 -14.45 12.68
O ACY P . -2.81 -14.94 11.61
OXT ACY P . -3.10 -14.06 13.64
CH3 ACY P . -0.87 -14.30 12.76
C ACY Q . -6.74 -8.44 18.76
O ACY Q . -7.04 -8.34 17.54
OXT ACY Q . -5.67 -8.05 19.30
CH3 ACY Q . -7.80 -9.02 19.67
CA CA R . 6.52 -14.20 27.06
CA CA S . 14.96 5.15 29.40
C1 GOL T . 6.26 -17.57 29.10
O1 GOL T . 5.51 -18.52 28.39
C2 GOL T . 7.53 -17.22 28.32
O2 GOL T . 7.18 -16.59 27.10
C3 GOL T . 8.30 -16.19 29.14
O3 GOL T . 7.62 -14.97 29.06
C ACY U . 1.86 10.19 15.15
O ACY U . 0.95 10.81 14.54
OXT ACY U . 1.82 9.89 16.37
CH3 ACY U . 3.08 9.78 14.37
CA CA V . 3.01 3.07 0.71
#